data_1OA0
#
_entry.id   1OA0
#
_cell.length_a   57.750
_cell.length_b   61.990
_cell.length_c   72.800
_cell.angle_alpha   82.72
_cell.angle_beta   73.74
_cell.angle_gamma   87.44
#
_symmetry.space_group_name_H-M   'P 1'
#
loop_
_entity.id
_entity.type
_entity.pdbx_description
1 polymer 'PRISMANE PROTEIN'
2 non-polymer 'IRON/SULFUR CLUSTER'
3 non-polymer 'FE4-S3 CLUSTER'
4 non-polymer '2-(N-MORPHOLINO)-ETHANESULFONIC ACID'
5 water water
#
_entity_poly.entity_id   1
_entity_poly.type   'polypeptide(L)'
_entity_poly.pdbx_seq_one_letter_code
;SNAMFCYQCQETVGNKGCTQVGVCGKKPETAALQDALIYVTKGLGQIATRLRAEGKAVDHRIDRLVTGNLFATITNANFD
DDILAERVRMTCAAKKELAASLTDKSGLSDAALWEASEKSAMLAKAGTVGVMATTDDDVRSLRWLITFGLKGMAAYAKHA
DVLGKHENSLDAFMQEALAKTLDDSLSVADLVALTLETGKFGVSAMALLDAANTGTYGHPEITKVNIGVGSNPGILISGH
DLRDLEMLLKQTEGTGVDVYTHSEMLPAHYYPAFKKYAHFKGNYGNAWWKQKEEFESFNGPVLLTTNCLVPPKDSYKDRV
YTTGIVGFTGCKHIPGEIGEHKDFSAIIAHAKTCPAPTEIESGEIIGGFAHNQVLALADKVIDAVKSGAIKKFVVMAGCD
GRAKSRSYYTDFAEGLPKDTVILTAGCAKYRYNKLNLGDIGGIPRVLDAGQCNDSYSLAVIALKLKEVFGLEDVNDLPIV
YNIAWYEQKAVIVLLALLSLGVKNIHLGPTLPAFLSPNVAKVLVEQFNIGGITSPQDDLKAFFG
;
_entity_poly.pdbx_strand_id   A,B
#
# COMPACT_ATOMS: atom_id res chain seq x y z
N SER A 1 -3.72 11.40 33.04
CA SER A 1 -4.52 10.37 32.32
C SER A 1 -3.91 8.98 32.56
N ASN A 2 -4.43 7.96 31.88
CA ASN A 2 -3.84 6.61 31.94
C ASN A 2 -3.00 6.33 30.69
N ALA A 3 -1.79 5.79 30.88
CA ALA A 3 -0.93 5.38 29.77
C ALA A 3 -1.44 4.11 29.08
N MET A 4 -2.21 3.30 29.82
CA MET A 4 -2.79 2.07 29.30
C MET A 4 -4.04 1.72 30.12
N PHE A 5 -4.82 0.76 29.63
CA PHE A 5 -5.84 0.14 30.46
C PHE A 5 -6.00 -1.33 30.03
N CYS A 6 -5.69 -2.24 30.95
CA CYS A 6 -5.88 -3.67 30.71
C CYS A 6 -6.37 -4.30 32.00
N TYR A 7 -7.41 -5.12 31.91
CA TYR A 7 -7.98 -5.81 33.08
C TYR A 7 -8.35 -7.27 32.82
N GLN A 8 -7.68 -7.91 31.85
CA GLN A 8 -8.10 -9.22 31.35
C GLN A 8 -7.66 -10.43 32.19
N CYS A 9 -6.69 -10.28 33.10
CA CYS A 9 -6.26 -11.41 33.93
C CYS A 9 -6.55 -11.21 35.42
N GLN A 10 -6.43 -12.29 36.17
CA GLN A 10 -6.80 -12.30 37.58
C GLN A 10 -5.95 -11.35 38.42
N GLU A 11 -4.71 -11.10 38.01
CA GLU A 11 -3.75 -10.30 38.77
C GLU A 11 -3.78 -8.78 38.50
N THR A 12 -4.77 -8.32 37.75
CA THR A 12 -4.86 -6.90 37.40
C THR A 12 -4.83 -5.99 38.65
N VAL A 13 -4.16 -4.84 38.54
CA VAL A 13 -3.91 -3.98 39.70
C VAL A 13 -5.21 -3.66 40.44
N GLY A 14 -5.23 -3.93 41.75
CA GLY A 14 -6.35 -3.60 42.62
C GLY A 14 -7.64 -4.34 42.33
N ASN A 15 -7.57 -5.39 41.52
CA ASN A 15 -8.75 -5.98 40.90
C ASN A 15 -9.65 -4.93 40.22
N LYS A 16 -8.99 -3.98 39.56
CA LYS A 16 -9.65 -2.87 38.86
C LYS A 16 -9.08 -2.66 37.45
N GLY A 17 -7.76 -2.62 37.32
CA GLY A 17 -7.13 -2.44 36.02
C GLY A 17 -5.69 -1.95 36.12
N CYS A 18 -4.85 -2.43 35.22
CA CYS A 18 -3.48 -1.97 35.07
C CYS A 18 -3.47 -0.72 34.19
N THR A 19 -2.98 0.39 34.75
CA THR A 19 -3.03 1.70 34.08
C THR A 19 -1.68 2.37 33.77
N GLN A 20 -0.59 1.84 34.34
CA GLN A 20 0.75 2.39 34.10
C GLN A 20 1.63 1.34 33.42
N VAL A 21 1.78 0.21 34.09
CA VAL A 21 2.51 -0.96 33.58
C VAL A 21 1.73 -2.20 34.05
N GLY A 22 1.70 -3.25 33.24
CA GLY A 22 1.05 -4.47 33.65
C GLY A 22 1.80 -5.16 34.78
N VAL A 23 1.06 -5.77 35.70
CA VAL A 23 1.66 -6.65 36.72
C VAL A 23 2.46 -7.77 36.05
N CYS A 24 2.02 -8.20 34.85
CA CYS A 24 2.69 -9.23 34.05
C CYS A 24 3.99 -8.74 33.39
N GLY A 25 4.21 -7.43 33.39
CA GLY A 25 5.34 -6.80 32.72
C GLY A 25 5.02 -6.10 31.41
N LYS A 26 3.77 -6.19 30.96
CA LYS A 26 3.37 -5.57 29.68
C LYS A 26 3.46 -4.04 29.77
N LYS A 27 4.29 -3.46 28.90
CA LYS A 27 4.51 -2.02 28.87
C LYS A 27 3.39 -1.30 28.12
N PRO A 28 3.15 -0.03 28.38
CA PRO A 28 2.00 0.66 27.75
C PRO A 28 1.97 0.66 26.22
N GLU A 29 3.10 0.78 25.55
CA GLU A 29 3.09 0.74 24.08
C GLU A 29 2.76 -0.66 23.57
N THR A 30 3.19 -1.69 24.30
CA THR A 30 2.82 -3.07 23.98
C THR A 30 1.31 -3.27 24.14
N ALA A 31 0.76 -2.78 25.25
CA ALA A 31 -0.67 -2.83 25.52
C ALA A 31 -1.45 -2.09 24.42
N ALA A 32 -0.92 -0.96 23.95
CA ALA A 32 -1.55 -0.16 22.90
C ALA A 32 -1.58 -0.93 21.57
N LEU A 33 -0.47 -1.54 21.20
CA LEU A 33 -0.41 -2.32 19.97
C LEU A 33 -1.39 -3.50 20.01
N GLN A 34 -1.54 -4.15 21.17
CA GLN A 34 -2.52 -5.23 21.33
C GLN A 34 -3.96 -4.69 21.19
N ASP A 35 -4.24 -3.52 21.77
CA ASP A 35 -5.55 -2.89 21.61
C ASP A 35 -5.86 -2.58 20.13
N ALA A 36 -4.89 -2.03 19.40
CA ALA A 36 -5.05 -1.76 17.98
C ALA A 36 -5.25 -3.05 17.18
N LEU A 37 -4.50 -4.11 17.53
CA LEU A 37 -4.61 -5.39 16.85
C LEU A 37 -6.00 -6.00 17.05
N ILE A 38 -6.54 -5.97 18.26
CA ILE A 38 -7.88 -6.48 18.52
C ILE A 38 -8.91 -5.68 17.72
N TYR A 39 -8.77 -4.36 17.70
CA TYR A 39 -9.69 -3.50 16.95
C TYR A 39 -9.75 -3.90 15.47
N VAL A 40 -8.61 -3.97 14.80
CA VAL A 40 -8.62 -4.31 13.37
C VAL A 40 -9.01 -5.77 13.11
N THR A 41 -8.78 -6.66 14.06
CA THR A 41 -9.27 -8.04 13.97
C THR A 41 -10.81 -8.10 13.98
N LYS A 42 -11.45 -7.30 14.83
CA LYS A 42 -12.90 -7.19 14.84
C LYS A 42 -13.41 -6.61 13.51
N GLY A 43 -12.70 -5.65 12.94
CA GLY A 43 -13.02 -5.11 11.63
C GLY A 43 -12.94 -6.16 10.54
N LEU A 44 -11.87 -6.95 10.55
CA LEU A 44 -11.72 -8.08 9.64
C LEU A 44 -12.88 -9.07 9.80
N GLY A 45 -13.28 -9.36 11.04
CA GLY A 45 -14.41 -10.22 11.30
C GLY A 45 -15.70 -9.74 10.67
N GLN A 46 -15.96 -8.43 10.72
CA GLN A 46 -17.15 -7.88 10.08
C GLN A 46 -17.11 -8.09 8.57
N ILE A 47 -15.97 -7.79 7.94
CA ILE A 47 -15.86 -7.92 6.49
C ILE A 47 -16.04 -9.38 6.05
N ALA A 48 -15.38 -10.30 6.74
CA ALA A 48 -15.51 -11.72 6.45
C ALA A 48 -16.95 -12.21 6.62
N THR A 49 -17.62 -11.76 7.67
CA THR A 49 -19.02 -12.12 7.92
C THR A 49 -19.94 -11.63 6.79
N ARG A 50 -19.69 -10.40 6.33
CA ARG A 50 -20.47 -9.83 5.23
C ARG A 50 -20.24 -10.59 3.92
N LEU A 51 -19.00 -11.02 3.67
CA LEU A 51 -18.70 -11.82 2.47
C LEU A 51 -19.46 -13.14 2.48
N ARG A 52 -19.45 -13.84 3.62
CA ARG A 52 -20.21 -15.08 3.76
C ARG A 52 -21.70 -14.86 3.47
N ALA A 53 -22.26 -13.75 3.96
CA ALA A 53 -23.67 -13.43 3.73
C ALA A 53 -23.97 -13.07 2.25
N GLU A 54 -22.98 -12.56 1.52
CA GLU A 54 -23.11 -12.30 0.07
C GLU A 54 -22.89 -13.56 -0.78
N GLY A 55 -22.56 -14.68 -0.15
CA GLY A 55 -22.30 -15.94 -0.84
C GLY A 55 -20.89 -16.09 -1.39
N LYS A 56 -19.95 -15.32 -0.84
CA LYS A 56 -18.57 -15.29 -1.32
C LYS A 56 -17.63 -16.04 -0.37
N ALA A 57 -16.60 -16.66 -0.94
CA ALA A 57 -15.66 -17.48 -0.18
C ALA A 57 -14.75 -16.64 0.69
N VAL A 58 -14.40 -17.17 1.86
CA VAL A 58 -13.37 -16.60 2.72
C VAL A 58 -12.35 -17.68 2.99
N ASP A 59 -11.13 -17.47 2.52
CA ASP A 59 -10.10 -18.50 2.61
C ASP A 59 -9.66 -18.76 4.04
N HIS A 60 -9.23 -19.99 4.31
CA HIS A 60 -8.82 -20.41 5.65
C HIS A 60 -7.58 -19.63 6.14
N ARG A 61 -6.81 -19.03 5.25
CA ARG A 61 -5.69 -18.17 5.67
C ARG A 61 -6.19 -16.95 6.50
N ILE A 62 -7.39 -16.46 6.21
CA ILE A 62 -8.01 -15.40 7.02
C ILE A 62 -8.34 -15.91 8.42
N ASP A 63 -8.89 -17.13 8.52
CA ASP A 63 -9.19 -17.74 9.82
C ASP A 63 -7.93 -17.81 10.68
N ARG A 64 -6.81 -18.18 10.07
CA ARG A 64 -5.54 -18.35 10.76
C ARG A 64 -4.97 -17.01 11.25
N LEU A 65 -5.16 -15.96 10.46
CA LEU A 65 -4.77 -14.62 10.85
C LEU A 65 -5.57 -14.18 12.09
N VAL A 66 -6.87 -14.42 12.08
CA VAL A 66 -7.73 -14.07 13.21
C VAL A 66 -7.34 -14.83 14.48
N THR A 67 -7.15 -16.14 14.40
CA THR A 67 -6.83 -16.90 15.61
C THR A 67 -5.44 -16.53 16.13
N GLY A 68 -4.47 -16.33 15.23
CA GLY A 68 -3.14 -15.90 15.62
C GLY A 68 -3.14 -14.55 16.29
N ASN A 69 -3.93 -13.61 15.76
CA ASN A 69 -4.03 -12.28 16.35
C ASN A 69 -4.60 -12.35 17.78
N LEU A 70 -5.70 -13.06 17.97
CA LEU A 70 -6.30 -13.18 19.31
C LEU A 70 -5.33 -13.83 20.30
N PHE A 71 -4.69 -14.92 19.89
CA PHE A 71 -3.80 -15.70 20.77
C PHE A 71 -2.59 -14.84 21.17
N ALA A 72 -2.09 -14.02 20.24
CA ALA A 72 -0.94 -13.15 20.51
C ALA A 72 -1.21 -12.13 21.62
N THR A 73 -2.49 -11.83 21.87
CA THR A 73 -2.89 -10.89 22.93
C THR A 73 -3.34 -11.54 24.24
N ILE A 74 -3.23 -12.86 24.37
CA ILE A 74 -3.51 -13.54 25.64
C ILE A 74 -2.39 -13.17 26.62
N THR A 75 -2.74 -13.13 27.89
CA THR A 75 -1.78 -12.83 28.95
C THR A 75 -0.55 -13.71 28.83
N ASN A 76 0.62 -13.09 28.90
CA ASN A 76 1.89 -13.78 28.79
C ASN A 76 2.20 -14.53 27.55
N ALA A 77 1.66 -14.03 26.45
CA ALA A 77 1.94 -14.63 25.15
C ALA A 77 3.00 -13.87 24.36
N ASN A 78 2.86 -12.56 24.18
CA ASN A 78 3.74 -11.83 23.28
C ASN A 78 3.94 -10.40 23.75
N PHE A 79 5.20 -10.07 24.03
CA PHE A 79 5.63 -8.76 24.51
C PHE A 79 6.47 -8.02 23.44
N ASP A 80 6.51 -8.54 22.21
CA ASP A 80 7.40 -8.06 21.14
C ASP A 80 6.70 -7.04 20.23
N ASP A 81 7.01 -5.75 20.42
CA ASP A 81 6.32 -4.68 19.69
C ASP A 81 6.50 -4.77 18.18
N ASP A 82 7.69 -5.17 17.72
CA ASP A 82 7.90 -5.30 16.27
C ASP A 82 6.97 -6.34 15.65
N ILE A 83 6.80 -7.48 16.33
CA ILE A 83 5.90 -8.53 15.85
C ILE A 83 4.44 -8.06 15.90
N LEU A 84 4.05 -7.43 16.99
CA LEU A 84 2.67 -6.97 17.14
C LEU A 84 2.33 -5.92 16.09
N ALA A 85 3.22 -4.96 15.85
CA ALA A 85 3.00 -3.94 14.83
C ALA A 85 2.87 -4.56 13.44
N GLU A 86 3.69 -5.56 13.14
CA GLU A 86 3.59 -6.23 11.85
C GLU A 86 2.29 -7.01 11.71
N ARG A 87 1.79 -7.62 12.78
CA ARG A 87 0.45 -8.24 12.72
C ARG A 87 -0.64 -7.21 12.44
N VAL A 88 -0.52 -5.99 12.98
CA VAL A 88 -1.48 -4.93 12.65
C VAL A 88 -1.44 -4.62 11.14
N ARG A 89 -0.24 -4.47 10.58
CA ARG A 89 -0.08 -4.18 9.14
C ARG A 89 -0.66 -5.28 8.28
N MET A 90 -0.33 -6.52 8.63
CA MET A 90 -0.82 -7.69 7.90
C MET A 90 -2.35 -7.74 7.92
N THR A 91 -2.94 -7.39 9.06
CA THR A 91 -4.39 -7.43 9.21
C THR A 91 -5.06 -6.31 8.40
N CYS A 92 -4.46 -5.13 8.42
CA CYS A 92 -4.96 -4.02 7.60
C CYS A 92 -4.89 -4.37 6.10
N ALA A 93 -3.80 -4.98 5.66
CA ALA A 93 -3.65 -5.37 4.26
C ALA A 93 -4.71 -6.41 3.88
N ALA A 94 -4.90 -7.40 4.76
CA ALA A 94 -5.83 -8.49 4.47
C ALA A 94 -7.26 -8.00 4.42
N LYS A 95 -7.65 -7.13 5.34
CA LYS A 95 -9.04 -6.70 5.37
C LYS A 95 -9.36 -5.70 4.24
N LYS A 96 -8.38 -4.90 3.81
CA LYS A 96 -8.58 -4.01 2.66
C LYS A 96 -8.85 -4.82 1.39
N GLU A 97 -8.07 -5.87 1.19
CA GLU A 97 -8.22 -6.78 0.06
C GLU A 97 -9.60 -7.47 0.08
N LEU A 98 -10.01 -7.98 1.25
CA LEU A 98 -11.31 -8.63 1.40
C LEU A 98 -12.47 -7.69 1.12
N ALA A 99 -12.37 -6.46 1.62
CA ALA A 99 -13.42 -5.46 1.45
C ALA A 99 -13.62 -5.09 -0.01
N ALA A 100 -12.55 -5.16 -0.80
CA ALA A 100 -12.61 -4.87 -2.24
C ALA A 100 -13.44 -5.89 -3.02
N SER A 101 -13.62 -7.07 -2.43
CA SER A 101 -14.43 -8.11 -3.05
C SER A 101 -15.91 -8.04 -2.64
N LEU A 102 -16.24 -7.21 -1.65
CA LEU A 102 -17.63 -6.98 -1.30
C LEU A 102 -18.33 -6.23 -2.42
N THR A 103 -19.58 -6.60 -2.70
CA THR A 103 -20.40 -5.83 -3.64
C THR A 103 -20.90 -4.56 -2.97
N ASP A 104 -21.45 -4.71 -1.77
CA ASP A 104 -21.98 -3.59 -0.98
C ASP A 104 -21.06 -3.30 0.21
N LYS A 105 -20.52 -2.08 0.27
CA LYS A 105 -19.66 -1.65 1.37
C LYS A 105 -20.39 -0.82 2.44
N SER A 106 -21.69 -0.62 2.28
CA SER A 106 -22.48 0.17 3.24
C SER A 106 -22.42 -0.42 4.64
N GLY A 107 -22.35 0.44 5.65
CA GLY A 107 -22.42 0.00 7.03
C GLY A 107 -21.15 -0.60 7.62
N LEU A 108 -20.05 -0.57 6.89
CA LEU A 108 -18.78 -1.04 7.43
C LEU A 108 -18.32 -0.11 8.54
N SER A 109 -17.85 -0.71 9.62
CA SER A 109 -17.41 0.02 10.81
C SER A 109 -16.11 0.75 10.59
N ASP A 110 -15.79 1.67 11.49
CA ASP A 110 -14.48 2.31 11.47
C ASP A 110 -13.36 1.28 11.58
N ALA A 111 -13.55 0.23 12.38
CA ALA A 111 -12.56 -0.84 12.50
C ALA A 111 -12.31 -1.54 11.15
N ALA A 112 -13.39 -1.76 10.39
CA ALA A 112 -13.28 -2.37 9.07
C ALA A 112 -12.50 -1.48 8.08
N LEU A 113 -12.69 -0.18 8.19
CA LEU A 113 -12.12 0.78 7.22
C LEU A 113 -10.75 1.36 7.58
N TRP A 114 -10.46 1.50 8.87
CA TRP A 114 -9.26 2.20 9.32
C TRP A 114 -7.98 1.40 9.07
N GLU A 115 -6.92 2.09 8.67
CA GLU A 115 -5.61 1.47 8.49
C GLU A 115 -4.45 2.40 8.87
N ALA A 116 -3.33 1.80 9.23
CA ALA A 116 -2.05 2.49 9.40
C ALA A 116 -0.89 1.55 9.11
N SER A 117 0.19 2.10 8.56
CA SER A 117 1.46 1.38 8.40
C SER A 117 2.52 1.83 9.43
N GLU A 118 2.41 3.06 9.93
CA GLU A 118 3.40 3.60 10.86
C GLU A 118 2.99 3.26 12.28
N LYS A 119 3.94 2.78 13.09
CA LYS A 119 3.66 2.47 14.49
C LYS A 119 3.09 3.66 15.26
N SER A 120 3.60 4.86 15.01
CA SER A 120 3.12 6.05 15.71
C SER A 120 1.60 6.24 15.51
N ALA A 121 1.12 5.99 14.30
CA ALA A 121 -0.30 6.10 13.99
C ALA A 121 -1.13 4.99 14.67
N MET A 122 -0.53 3.80 14.81
CA MET A 122 -1.16 2.70 15.54
C MET A 122 -1.33 3.04 17.03
N LEU A 123 -0.29 3.61 17.63
CA LEU A 123 -0.34 3.98 19.05
C LEU A 123 -1.39 5.07 19.29
N ALA A 124 -1.47 6.05 18.38
CA ALA A 124 -2.46 7.10 18.51
C ALA A 124 -3.89 6.53 18.42
N LYS A 125 -4.13 5.66 17.46
CA LYS A 125 -5.46 5.06 17.30
C LYS A 125 -5.83 4.23 18.52
N ALA A 126 -4.86 3.48 19.04
CA ALA A 126 -5.10 2.63 20.21
C ALA A 126 -5.70 3.41 21.37
N GLY A 127 -5.25 4.64 21.56
CA GLY A 127 -5.72 5.48 22.66
C GLY A 127 -7.22 5.71 22.71
N THR A 128 -7.89 5.59 21.55
CA THR A 128 -9.35 5.82 21.46
C THR A 128 -10.17 4.56 21.12
N VAL A 129 -9.54 3.38 21.09
CA VAL A 129 -10.24 2.12 20.79
C VAL A 129 -10.04 1.01 21.82
N GLY A 130 -9.55 1.37 23.01
CA GLY A 130 -9.36 0.40 24.07
C GLY A 130 -10.63 0.09 24.86
N VAL A 131 -10.44 -0.55 26.00
CA VAL A 131 -11.55 -1.00 26.85
C VAL A 131 -12.51 0.13 27.20
N MET A 132 -11.96 1.26 27.62
CA MET A 132 -12.80 2.33 28.15
C MET A 132 -13.46 3.19 27.04
N ALA A 133 -13.25 2.83 25.77
CA ALA A 133 -13.99 3.46 24.68
C ALA A 133 -15.50 3.17 24.74
N THR A 134 -15.90 2.04 25.32
CA THR A 134 -17.31 1.75 25.57
C THR A 134 -17.70 2.39 26.89
N THR A 135 -18.65 3.33 26.86
CA THR A 135 -18.97 4.11 28.05
C THR A 135 -19.91 3.37 29.01
N ASP A 136 -20.92 2.68 28.49
CA ASP A 136 -21.90 1.99 29.32
C ASP A 136 -21.25 0.80 30.03
N ASP A 137 -21.44 0.72 31.34
CA ASP A 137 -20.78 -0.30 32.17
C ASP A 137 -21.13 -1.72 31.78
N ASP A 138 -22.41 -1.98 31.53
CA ASP A 138 -22.87 -3.33 31.24
C ASP A 138 -22.47 -3.77 29.84
N VAL A 139 -22.60 -2.86 28.87
CA VAL A 139 -22.19 -3.16 27.50
C VAL A 139 -20.67 -3.39 27.44
N ARG A 140 -19.90 -2.57 28.15
CA ARG A 140 -18.46 -2.74 28.24
C ARG A 140 -18.09 -4.10 28.83
N SER A 141 -18.69 -4.42 29.97
CA SER A 141 -18.45 -5.68 30.67
C SER A 141 -18.72 -6.87 29.76
N LEU A 142 -19.86 -6.88 29.09
CA LEU A 142 -20.23 -8.01 28.24
C LEU A 142 -19.36 -8.08 26.98
N ARG A 143 -19.08 -6.94 26.36
CA ARG A 143 -18.20 -6.92 25.19
C ARG A 143 -16.83 -7.54 25.48
N TRP A 144 -16.26 -7.20 26.63
CA TRP A 144 -14.92 -7.68 26.96
C TRP A 144 -14.94 -9.11 27.53
N LEU A 145 -15.98 -9.49 28.27
CA LEU A 145 -16.18 -10.89 28.64
C LEU A 145 -16.22 -11.78 27.40
N ILE A 146 -16.99 -11.36 26.39
CA ILE A 146 -17.08 -12.08 25.13
C ILE A 146 -15.72 -12.09 24.41
N THR A 147 -15.06 -10.95 24.32
CA THR A 147 -13.76 -10.88 23.64
C THR A 147 -12.74 -11.83 24.30
N PHE A 148 -12.71 -11.83 25.62
CA PHE A 148 -11.77 -12.71 26.35
C PHE A 148 -12.14 -14.19 26.14
N GLY A 149 -13.42 -14.53 26.16
CA GLY A 149 -13.85 -15.87 25.82
C GLY A 149 -13.42 -16.29 24.40
N LEU A 150 -13.54 -15.37 23.45
CA LEU A 150 -13.13 -15.62 22.08
C LEU A 150 -11.61 -15.83 21.96
N LYS A 151 -10.82 -15.14 22.78
CA LYS A 151 -9.37 -15.40 22.81
C LYS A 151 -9.07 -16.85 23.22
N GLY A 152 -9.73 -17.34 24.28
CA GLY A 152 -9.53 -18.72 24.70
C GLY A 152 -9.98 -19.72 23.65
N MET A 153 -11.14 -19.44 23.06
CA MET A 153 -11.68 -20.27 21.99
C MET A 153 -10.71 -20.35 20.81
N ALA A 154 -10.13 -19.20 20.45
CA ALA A 154 -9.18 -19.10 19.34
C ALA A 154 -7.90 -19.89 19.61
N ALA A 155 -7.43 -19.89 20.86
CA ALA A 155 -6.26 -20.67 21.22
C ALA A 155 -6.50 -22.15 20.94
N TYR A 156 -7.63 -22.67 21.42
CA TYR A 156 -7.95 -24.08 21.22
C TYR A 156 -8.18 -24.42 19.74
N ALA A 157 -8.89 -23.54 19.03
CA ALA A 157 -9.09 -23.71 17.60
C ALA A 157 -7.75 -23.74 16.85
N LYS A 158 -6.79 -22.92 17.28
CA LYS A 158 -5.51 -22.85 16.61
C LYS A 158 -4.71 -24.14 16.80
N HIS A 159 -4.71 -24.70 18.01
CA HIS A 159 -4.00 -25.97 18.25
C HIS A 159 -4.64 -27.08 17.41
N ALA A 160 -5.97 -27.07 17.26
CA ALA A 160 -6.63 -28.08 16.43
C ALA A 160 -6.19 -27.93 14.96
N ASP A 161 -6.11 -26.68 14.50
CA ASP A 161 -5.69 -26.34 13.12
C ASP A 161 -4.24 -26.78 12.85
N VAL A 162 -3.36 -26.58 13.83
CA VAL A 162 -1.98 -27.05 13.78
C VAL A 162 -1.91 -28.56 13.51
N LEU A 163 -2.86 -29.30 14.05
CA LEU A 163 -2.99 -30.75 13.85
C LEU A 163 -3.90 -31.16 12.69
N GLY A 164 -4.31 -30.21 11.85
CA GLY A 164 -5.03 -30.49 10.62
C GLY A 164 -6.55 -30.48 10.69
N LYS A 165 -7.12 -30.00 11.79
CA LYS A 165 -8.57 -29.96 11.98
C LYS A 165 -9.10 -28.53 12.08
N HIS A 166 -10.08 -28.20 11.23
CA HIS A 166 -10.83 -26.94 11.34
C HIS A 166 -12.27 -27.15 10.89
N GLU A 167 -13.18 -26.37 11.46
CA GLU A 167 -14.61 -26.43 11.13
C GLU A 167 -15.07 -25.03 10.71
N ASN A 168 -15.64 -24.93 9.51
CA ASN A 168 -16.16 -23.67 9.00
C ASN A 168 -17.09 -22.97 10.00
N SER A 169 -17.98 -23.73 10.64
CA SER A 169 -18.95 -23.11 11.55
C SER A 169 -18.27 -22.44 12.75
N LEU A 170 -17.14 -22.99 13.19
CA LEU A 170 -16.40 -22.45 14.33
C LEU A 170 -15.71 -21.13 13.97
N ASP A 171 -14.95 -21.12 12.88
CA ASP A 171 -14.29 -19.89 12.44
C ASP A 171 -15.31 -18.81 12.06
N ALA A 172 -16.42 -19.21 11.43
CA ALA A 172 -17.48 -18.26 11.08
C ALA A 172 -18.10 -17.64 12.34
N PHE A 173 -18.35 -18.45 13.36
CA PHE A 173 -18.89 -17.90 14.62
C PHE A 173 -17.92 -16.91 15.25
N MET A 174 -16.65 -17.29 15.37
CA MET A 174 -15.66 -16.43 16.00
C MET A 174 -15.63 -15.04 15.33
N GLN A 175 -15.65 -15.04 14.00
CA GLN A 175 -15.56 -13.80 13.24
C GLN A 175 -16.84 -12.94 13.32
N GLU A 176 -18.00 -13.60 13.34
CA GLU A 176 -19.28 -12.90 13.51
C GLU A 176 -19.42 -12.32 14.94
N ALA A 177 -19.01 -13.09 15.95
CA ALA A 177 -19.08 -12.64 17.34
C ALA A 177 -18.16 -11.44 17.56
N LEU A 178 -16.94 -11.50 17.02
CA LEU A 178 -16.01 -10.36 17.08
C LEU A 178 -16.67 -9.09 16.53
N ALA A 179 -17.30 -9.23 15.36
CA ALA A 179 -17.97 -8.11 14.71
C ALA A 179 -19.11 -7.55 15.57
N LYS A 180 -19.87 -8.44 16.20
CA LYS A 180 -20.99 -8.01 17.04
C LYS A 180 -20.54 -7.15 18.23
N THR A 181 -19.33 -7.37 18.73
CA THR A 181 -18.82 -6.55 19.84
C THR A 181 -18.51 -5.10 19.47
N LEU A 182 -18.55 -4.75 18.19
CA LEU A 182 -18.44 -3.33 17.78
C LEU A 182 -19.77 -2.71 17.33
N ASP A 183 -20.85 -3.50 17.36
CA ASP A 183 -22.17 -3.04 16.92
C ASP A 183 -22.90 -2.37 18.08
N ASP A 184 -23.02 -1.04 18.02
CA ASP A 184 -23.61 -0.25 19.12
C ASP A 184 -25.12 -0.46 19.28
N SER A 185 -25.77 -1.07 18.30
CA SER A 185 -27.22 -1.30 18.35
C SER A 185 -27.66 -2.51 19.17
N LEU A 186 -26.73 -3.39 19.52
CA LEU A 186 -27.09 -4.58 20.30
C LEU A 186 -27.42 -4.21 21.74
N SER A 187 -28.53 -4.76 22.25
CA SER A 187 -28.96 -4.55 23.62
C SER A 187 -28.15 -5.39 24.61
N VAL A 188 -28.34 -5.11 25.90
CA VAL A 188 -27.75 -5.93 26.96
C VAL A 188 -28.27 -7.38 26.83
N ALA A 189 -29.55 -7.56 26.54
CA ALA A 189 -30.10 -8.91 26.34
C ALA A 189 -29.43 -9.64 25.16
N ASP A 190 -29.17 -8.91 24.07
CA ASP A 190 -28.45 -9.47 22.93
C ASP A 190 -27.04 -9.93 23.34
N LEU A 191 -26.38 -9.15 24.19
CA LEU A 191 -25.00 -9.44 24.59
C LEU A 191 -24.93 -10.57 25.63
N VAL A 192 -25.91 -10.67 26.52
CA VAL A 192 -25.99 -11.83 27.42
C VAL A 192 -26.20 -13.10 26.58
N ALA A 193 -27.06 -13.03 25.57
CA ALA A 193 -27.29 -14.15 24.64
C ALA A 193 -25.99 -14.54 23.95
N LEU A 194 -25.24 -13.55 23.45
CA LEU A 194 -23.99 -13.82 22.76
C LEU A 194 -22.92 -14.41 23.70
N THR A 195 -22.95 -14.02 24.97
CA THR A 195 -22.06 -14.59 25.99
C THR A 195 -22.29 -16.09 26.13
N LEU A 196 -23.55 -16.49 26.25
CA LEU A 196 -23.89 -17.91 26.37
C LEU A 196 -23.62 -18.68 25.08
N GLU A 197 -23.85 -18.05 23.93
CA GLU A 197 -23.52 -18.69 22.66
C GLU A 197 -22.01 -18.90 22.51
N THR A 198 -21.24 -17.93 22.98
CA THR A 198 -19.78 -18.05 23.04
C THR A 198 -19.37 -19.28 23.86
N GLY A 199 -20.03 -19.50 25.00
CA GLY A 199 -19.78 -20.70 25.80
C GLY A 199 -20.04 -21.99 25.02
N LYS A 200 -21.14 -22.01 24.27
CA LYS A 200 -21.48 -23.17 23.46
C LYS A 200 -20.40 -23.48 22.41
N PHE A 201 -19.93 -22.45 21.70
CA PHE A 201 -18.86 -22.65 20.73
C PHE A 201 -17.51 -22.92 21.41
N GLY A 202 -17.38 -22.55 22.69
CA GLY A 202 -16.26 -22.99 23.50
C GLY A 202 -16.22 -24.50 23.67
N VAL A 203 -17.38 -25.09 23.94
CA VAL A 203 -17.50 -26.55 23.97
C VAL A 203 -17.09 -27.13 22.61
N SER A 204 -17.59 -26.54 21.52
CA SER A 204 -17.24 -27.02 20.17
C SER A 204 -15.73 -26.97 19.90
N ALA A 205 -15.07 -25.88 20.30
CA ALA A 205 -13.64 -25.73 20.09
C ALA A 205 -12.86 -26.76 20.91
N MET A 206 -13.27 -26.96 22.16
CA MET A 206 -12.63 -27.96 23.01
C MET A 206 -12.85 -29.38 22.47
N ALA A 207 -14.02 -29.64 21.92
CA ALA A 207 -14.30 -30.96 21.34
C ALA A 207 -13.42 -31.21 20.12
N LEU A 208 -13.24 -30.18 19.29
CA LEU A 208 -12.40 -30.27 18.10
C LEU A 208 -10.93 -30.53 18.46
N LEU A 209 -10.41 -29.80 19.45
CA LEU A 209 -9.05 -30.00 19.91
C LEU A 209 -8.87 -31.39 20.57
N ASP A 210 -9.85 -31.82 21.35
CA ASP A 210 -9.81 -33.15 21.95
C ASP A 210 -9.68 -34.23 20.85
N ALA A 211 -10.47 -34.10 19.79
CA ALA A 211 -10.42 -35.03 18.67
C ALA A 211 -9.07 -34.96 17.95
N ALA A 212 -8.52 -33.76 17.79
CA ALA A 212 -7.24 -33.60 17.12
C ALA A 212 -6.08 -34.21 17.93
N ASN A 213 -6.05 -33.93 19.22
CA ASN A 213 -4.98 -34.42 20.10
C ASN A 213 -5.02 -35.96 20.19
N THR A 214 -6.20 -36.51 20.50
CA THR A 214 -6.32 -37.97 20.67
C THR A 214 -6.23 -38.72 19.35
N GLY A 215 -6.73 -38.13 18.27
CA GLY A 215 -6.65 -38.75 16.95
C GLY A 215 -5.22 -38.87 16.47
N THR A 216 -4.36 -37.93 16.89
CA THR A 216 -2.97 -37.90 16.44
C THR A 216 -2.05 -38.71 17.35
N TYR A 217 -2.23 -38.59 18.66
CA TYR A 217 -1.26 -39.15 19.63
C TYR A 217 -1.84 -40.26 20.54
N GLY A 218 -3.08 -40.65 20.29
CA GLY A 218 -3.76 -41.67 21.08
C GLY A 218 -4.58 -41.08 22.22
N HIS A 219 -5.48 -41.87 22.80
CA HIS A 219 -6.20 -41.45 24.00
C HIS A 219 -5.29 -41.51 25.21
N PRO A 220 -5.27 -40.45 26.02
CA PRO A 220 -4.55 -40.51 27.28
C PRO A 220 -4.91 -41.72 28.13
N GLU A 221 -3.90 -42.23 28.84
CA GLU A 221 -4.06 -43.39 29.71
C GLU A 221 -3.31 -43.13 31.00
N ILE A 222 -3.65 -43.90 32.04
CA ILE A 222 -2.96 -43.82 33.32
C ILE A 222 -1.45 -43.95 33.11
N THR A 223 -0.71 -43.01 33.73
CA THR A 223 0.72 -42.84 33.51
C THR A 223 1.38 -42.36 34.79
N LYS A 224 2.57 -42.90 35.08
CA LYS A 224 3.45 -42.41 36.15
C LYS A 224 4.52 -41.55 35.51
N VAL A 225 4.66 -40.31 35.98
CA VAL A 225 5.58 -39.33 35.42
C VAL A 225 6.67 -39.02 36.45
N ASN A 226 7.93 -39.21 36.05
CA ASN A 226 9.08 -38.88 36.89
C ASN A 226 9.21 -37.36 37.02
N ILE A 227 9.37 -36.87 38.24
CA ILE A 227 9.62 -35.44 38.46
C ILE A 227 11.09 -35.13 38.85
N GLY A 228 11.91 -36.18 38.95
CA GLY A 228 13.35 -36.04 39.06
C GLY A 228 14.02 -35.90 37.70
N VAL A 229 15.34 -35.83 37.68
CA VAL A 229 16.08 -35.59 36.43
C VAL A 229 17.19 -36.61 36.19
N GLY A 230 17.62 -36.69 34.94
CA GLY A 230 18.80 -37.46 34.54
C GLY A 230 20.06 -36.60 34.46
N SER A 231 21.12 -37.16 33.88
CA SER A 231 22.45 -36.54 33.89
C SER A 231 22.91 -36.05 32.50
N ASN A 232 22.03 -36.12 31.50
CA ASN A 232 22.33 -35.61 30.16
C ASN A 232 21.84 -34.16 30.00
N PRO A 233 22.43 -33.42 29.05
CA PRO A 233 21.89 -32.10 28.71
C PRO A 233 20.44 -32.24 28.28
N GLY A 234 19.61 -31.23 28.54
CA GLY A 234 18.21 -31.28 28.19
C GLY A 234 17.67 -30.00 27.59
N ILE A 235 16.49 -30.15 26.97
CA ILE A 235 15.64 -29.05 26.56
C ILE A 235 14.31 -29.16 27.30
N LEU A 236 13.85 -28.04 27.85
CA LEU A 236 12.59 -27.95 28.59
C LEU A 236 11.54 -27.33 27.67
N ILE A 237 10.47 -28.07 27.38
CA ILE A 237 9.39 -27.55 26.53
C ILE A 237 8.18 -27.18 27.42
N SER A 238 7.67 -25.97 27.20
CA SER A 238 6.59 -25.39 28.01
C SER A 238 5.43 -24.94 27.11
N GLY A 239 4.30 -24.59 27.73
CA GLY A 239 3.11 -24.19 27.00
C GLY A 239 2.18 -25.38 26.75
N HIS A 240 1.57 -25.44 25.57
CA HIS A 240 0.52 -26.44 25.30
C HIS A 240 0.63 -27.27 24.00
N ASP A 241 1.46 -26.85 23.03
CA ASP A 241 1.38 -27.44 21.69
C ASP A 241 2.06 -28.82 21.56
N LEU A 242 1.25 -29.86 21.36
CA LEU A 242 1.77 -31.23 21.27
C LEU A 242 2.51 -31.51 19.95
N ARG A 243 2.14 -30.83 18.87
CA ARG A 243 2.83 -30.99 17.58
C ARG A 243 4.28 -30.49 17.65
N ASP A 244 4.52 -29.38 18.36
CA ASP A 244 5.90 -28.92 18.57
C ASP A 244 6.71 -30.00 19.31
N LEU A 245 6.12 -30.62 20.33
CA LEU A 245 6.79 -31.70 21.04
C LEU A 245 7.14 -32.87 20.12
N GLU A 246 6.21 -33.28 19.27
CA GLU A 246 6.46 -34.38 18.34
C GLU A 246 7.70 -34.10 17.49
N MET A 247 7.77 -32.91 16.91
CA MET A 247 8.90 -32.54 16.07
C MET A 247 10.20 -32.48 16.88
N LEU A 248 10.14 -31.94 18.10
CA LEU A 248 11.32 -31.87 18.95
C LEU A 248 11.84 -33.26 19.33
N LEU A 249 10.94 -34.18 19.68
CA LEU A 249 11.34 -35.54 20.02
C LEU A 249 11.96 -36.29 18.84
N LYS A 250 11.38 -36.13 17.66
CA LYS A 250 11.95 -36.76 16.45
C LYS A 250 13.37 -36.24 16.17
N GLN A 251 13.57 -34.92 16.30
CA GLN A 251 14.86 -34.31 15.99
C GLN A 251 15.94 -34.55 17.06
N THR A 252 15.55 -34.83 18.31
CA THR A 252 16.51 -35.15 19.37
C THR A 252 16.88 -36.64 19.42
N GLU A 253 16.17 -37.49 18.70
CA GLU A 253 16.51 -38.92 18.64
C GLU A 253 17.95 -39.10 18.16
N GLY A 254 18.75 -39.83 18.94
CA GLY A 254 20.14 -40.09 18.60
C GLY A 254 21.16 -39.01 18.93
N THR A 255 20.72 -37.90 19.54
CA THR A 255 21.60 -36.75 19.74
C THR A 255 22.29 -36.72 21.09
N GLY A 256 21.77 -37.46 22.07
CA GLY A 256 22.24 -37.37 23.43
C GLY A 256 21.62 -36.24 24.25
N VAL A 257 20.63 -35.55 23.68
CA VAL A 257 19.89 -34.50 24.36
C VAL A 257 18.52 -35.06 24.77
N ASP A 258 18.20 -34.92 26.06
CA ASP A 258 16.92 -35.35 26.62
C ASP A 258 15.88 -34.23 26.51
N VAL A 259 14.60 -34.59 26.54
CA VAL A 259 13.50 -33.63 26.52
C VAL A 259 12.64 -33.78 27.78
N TYR A 260 12.38 -32.64 28.43
CA TYR A 260 11.56 -32.55 29.65
C TYR A 260 10.37 -31.64 29.37
N THR A 261 9.27 -31.84 30.09
CA THR A 261 8.13 -30.94 30.01
C THR A 261 8.05 -30.00 31.21
N HIS A 262 7.30 -28.91 31.02
CA HIS A 262 7.08 -27.87 32.03
C HIS A 262 5.62 -27.39 31.96
N SER A 263 5.04 -27.21 33.15
CA SER A 263 3.74 -26.56 33.36
C SER A 263 2.64 -27.26 32.54
N GLU A 264 2.12 -26.63 31.49
CA GLU A 264 1.02 -27.23 30.71
C GLU A 264 1.44 -28.26 29.66
N MET A 265 2.74 -28.60 29.60
CA MET A 265 3.19 -29.71 28.76
C MET A 265 3.23 -31.05 29.52
N LEU A 266 3.03 -31.03 30.84
CA LEU A 266 2.95 -32.27 31.64
C LEU A 266 2.06 -33.35 30.99
N PRO A 267 0.84 -33.01 30.56
CA PRO A 267 -0.06 -34.03 30.00
C PRO A 267 0.41 -34.73 28.72
N ALA A 268 1.41 -34.20 28.04
CA ALA A 268 2.00 -34.91 26.90
C ALA A 268 2.46 -36.32 27.29
N HIS A 269 2.91 -36.48 28.54
CA HIS A 269 3.32 -37.79 29.07
C HIS A 269 2.22 -38.85 29.03
N TYR A 270 0.97 -38.43 29.06
CA TYR A 270 -0.18 -39.32 29.16
C TYR A 270 -0.57 -39.97 27.82
N TYR A 271 -0.07 -39.44 26.71
CA TYR A 271 -0.43 -39.92 25.38
C TYR A 271 0.47 -41.08 24.95
N PRO A 272 -0.12 -42.21 24.51
CA PRO A 272 0.69 -43.39 24.17
C PRO A 272 1.78 -43.15 23.12
N ALA A 273 1.56 -42.27 22.14
CA ALA A 273 2.54 -42.05 21.08
C ALA A 273 3.88 -41.53 21.63
N PHE A 274 3.83 -40.67 22.63
CA PHE A 274 5.05 -40.06 23.16
C PHE A 274 5.87 -41.00 24.06
N LYS A 275 5.23 -42.06 24.56
CA LYS A 275 5.92 -43.06 25.39
C LYS A 275 6.95 -43.90 24.60
N LYS A 276 6.94 -43.81 23.28
CA LYS A 276 7.84 -44.58 22.44
C LYS A 276 9.21 -43.91 22.18
N TYR A 277 9.43 -42.73 22.77
CA TYR A 277 10.70 -42.00 22.67
C TYR A 277 11.45 -42.15 24.00
N ALA A 278 12.56 -42.90 23.98
CA ALA A 278 13.30 -43.23 25.21
C ALA A 278 13.95 -42.02 25.88
N HIS A 279 14.23 -40.96 25.12
CA HIS A 279 14.88 -39.76 25.66
C HIS A 279 13.85 -38.70 26.11
N PHE A 280 12.57 -39.06 26.12
CA PHE A 280 11.52 -38.22 26.71
C PHE A 280 11.53 -38.52 28.21
N LYS A 281 12.05 -37.58 28.98
CA LYS A 281 12.27 -37.76 30.40
C LYS A 281 11.03 -37.24 31.15
N GLY A 282 11.23 -36.54 32.27
N GLY A 282 11.23 -36.54 32.27
CA GLY A 282 10.15 -36.23 33.18
CA GLY A 282 10.15 -36.23 33.18
C GLY A 282 9.50 -34.87 33.00
C GLY A 282 9.50 -34.87 32.99
N ASN A 283 8.75 -34.46 34.01
CA ASN A 283 8.18 -33.12 34.11
C ASN A 283 8.98 -32.38 35.18
N TYR A 284 9.49 -31.20 34.83
CA TYR A 284 10.37 -30.41 35.68
C TYR A 284 9.65 -29.19 36.24
N GLY A 285 9.63 -29.09 37.57
CA GLY A 285 9.09 -27.92 38.24
C GLY A 285 7.59 -27.92 38.42
N ASN A 286 7.01 -26.72 38.40
CA ASN A 286 5.63 -26.49 38.81
C ASN A 286 4.91 -25.61 37.77
N ALA A 287 3.99 -24.75 38.18
CA ALA A 287 3.23 -23.94 37.22
C ALA A 287 4.08 -22.78 36.70
N TRP A 288 3.59 -22.14 35.64
CA TRP A 288 4.26 -21.06 34.92
C TRP A 288 4.92 -20.01 35.81
N TRP A 289 4.26 -19.61 36.89
CA TRP A 289 4.66 -18.40 37.62
C TRP A 289 5.97 -18.58 38.42
N LYS A 290 6.41 -19.82 38.62
CA LYS A 290 7.70 -20.09 39.26
C LYS A 290 8.88 -20.16 38.29
N GLN A 291 8.67 -19.76 37.03
CA GLN A 291 9.66 -20.05 35.99
C GLN A 291 10.94 -19.22 36.07
N LYS A 292 10.93 -18.05 36.71
CA LYS A 292 12.19 -17.30 36.85
C LYS A 292 13.21 -18.10 37.67
N GLU A 293 12.74 -18.87 38.64
CA GLU A 293 13.58 -19.74 39.45
C GLU A 293 13.85 -21.06 38.72
N GLU A 294 12.79 -21.67 38.20
CA GLU A 294 12.88 -23.03 37.65
C GLU A 294 13.55 -23.08 36.27
N PHE A 295 13.34 -22.09 35.40
CA PHE A 295 14.08 -22.03 34.14
C PHE A 295 15.57 -21.82 34.43
N GLU A 296 15.90 -21.05 35.46
CA GLU A 296 17.32 -20.88 35.83
C GLU A 296 17.94 -22.23 36.21
N SER A 297 17.33 -22.95 37.16
CA SER A 297 17.91 -24.19 37.68
C SER A 297 17.86 -25.34 36.66
N PHE A 298 17.02 -25.25 35.63
CA PHE A 298 17.01 -26.26 34.58
C PHE A 298 18.33 -26.32 33.80
N ASN A 299 19.02 -25.17 33.70
CA ASN A 299 20.34 -25.02 33.06
C ASN A 299 20.37 -25.09 31.53
N GLY A 300 19.55 -25.94 30.93
CA GLY A 300 19.48 -26.09 29.48
C GLY A 300 18.50 -25.11 28.84
N PRO A 301 18.40 -25.12 27.51
CA PRO A 301 17.45 -24.24 26.82
C PRO A 301 15.97 -24.57 27.11
N VAL A 302 15.12 -23.56 26.95
CA VAL A 302 13.68 -23.63 27.22
C VAL A 302 12.94 -23.16 25.99
N LEU A 303 11.95 -23.93 25.57
CA LEU A 303 11.14 -23.62 24.38
C LEU A 303 9.70 -23.33 24.82
N LEU A 304 9.23 -22.12 24.55
CA LEU A 304 7.87 -21.72 24.88
C LEU A 304 6.97 -21.86 23.64
N THR A 305 6.05 -22.81 23.68
CA THR A 305 5.15 -23.06 22.54
C THR A 305 3.91 -22.16 22.54
N THR A 306 3.53 -21.70 23.73
CA THR A 306 2.39 -20.80 23.97
C THR A 306 2.71 -19.98 25.23
N ASN A 307 1.73 -19.17 25.65
CA ASN A 307 1.76 -18.63 27.02
C ASN A 307 1.78 -19.79 28.04
N CYS A 308 2.23 -19.57 29.29
CA CYS A 308 2.67 -18.29 29.83
C CYS A 308 4.20 -18.17 29.87
N LEU A 309 4.70 -17.11 29.23
CA LEU A 309 6.09 -16.65 29.33
C LEU A 309 6.11 -15.38 30.17
N VAL A 310 6.94 -15.35 31.21
CA VAL A 310 7.15 -14.14 31.98
C VAL A 310 8.42 -13.46 31.47
N PRO A 311 8.51 -12.13 31.52
CA PRO A 311 9.74 -11.45 31.10
C PRO A 311 10.98 -12.10 31.76
N PRO A 312 11.91 -12.60 30.95
CA PRO A 312 12.98 -13.44 31.49
C PRO A 312 14.09 -12.68 32.22
N LYS A 313 14.70 -13.32 33.21
CA LYS A 313 15.92 -12.81 33.83
C LYS A 313 17.07 -12.87 32.84
N ASP A 314 18.00 -11.92 32.93
CA ASP A 314 19.21 -11.92 32.10
C ASP A 314 20.03 -13.22 32.24
N SER A 315 19.94 -13.87 33.41
CA SER A 315 20.69 -15.12 33.66
C SER A 315 20.37 -16.25 32.68
N TYR A 316 19.12 -16.35 32.21
CA TYR A 316 18.73 -17.39 31.26
C TYR A 316 18.10 -16.87 29.95
N LYS A 317 18.00 -15.55 29.76
CA LYS A 317 17.34 -14.99 28.58
C LYS A 317 17.93 -15.50 27.26
N ASP A 318 19.25 -15.70 27.22
CA ASP A 318 19.93 -16.14 26.01
C ASP A 318 19.63 -17.60 25.63
N ARG A 319 19.03 -18.36 26.54
CA ARG A 319 18.63 -19.73 26.23
C ARG A 319 17.11 -19.94 26.23
N VAL A 320 16.35 -18.84 26.12
CA VAL A 320 14.91 -18.90 25.89
C VAL A 320 14.62 -18.84 24.39
N TYR A 321 13.87 -19.82 23.89
CA TYR A 321 13.43 -19.85 22.49
C TYR A 321 11.91 -19.77 22.49
N THR A 322 11.35 -18.88 21.68
CA THR A 322 9.90 -18.79 21.49
C THR A 322 9.54 -19.39 20.16
N THR A 323 8.26 -19.72 20.04
CA THR A 323 7.74 -20.21 18.76
C THR A 323 6.25 -19.96 18.63
N GLY A 324 5.65 -20.23 17.48
CA GLY A 324 4.24 -19.94 17.26
C GLY A 324 3.98 -18.45 17.42
N ILE A 325 2.96 -18.09 18.18
CA ILE A 325 2.64 -16.68 18.41
C ILE A 325 3.33 -16.08 19.64
N VAL A 326 4.20 -16.85 20.29
CA VAL A 326 4.94 -16.35 21.46
C VAL A 326 6.07 -15.43 21.01
N GLY A 327 6.34 -14.37 21.79
CA GLY A 327 7.43 -13.47 21.49
C GLY A 327 7.91 -12.63 22.67
N PHE A 328 9.21 -12.35 22.68
CA PHE A 328 9.80 -11.40 23.62
C PHE A 328 11.03 -10.80 22.94
N THR A 329 11.12 -9.48 22.94
CA THR A 329 12.22 -8.79 22.26
C THR A 329 13.57 -9.24 22.81
N GLY A 330 14.45 -9.70 21.93
CA GLY A 330 15.76 -10.16 22.33
C GLY A 330 15.84 -11.66 22.58
N CYS A 331 14.72 -12.38 22.50
CA CYS A 331 14.72 -13.85 22.58
C CYS A 331 14.55 -14.45 21.19
N LYS A 332 15.39 -15.43 20.88
CA LYS A 332 15.35 -16.16 19.63
C LYS A 332 13.97 -16.80 19.38
N HIS A 333 13.52 -16.78 18.13
CA HIS A 333 12.20 -17.31 17.71
C HIS A 333 12.41 -18.36 16.65
N ILE A 334 11.68 -19.45 16.76
CA ILE A 334 11.63 -20.49 15.75
C ILE A 334 10.31 -20.32 15.00
N PRO A 335 10.35 -19.95 13.72
CA PRO A 335 9.10 -19.55 13.02
C PRO A 335 8.10 -20.69 12.76
N GLY A 336 6.79 -20.41 12.83
CA GLY A 336 5.74 -21.35 12.50
C GLY A 336 4.55 -21.35 13.46
N GLU A 337 3.34 -21.17 12.94
CA GLU A 337 2.10 -21.22 13.73
C GLU A 337 1.02 -22.14 13.10
N ILE A 338 1.39 -22.97 12.12
CA ILE A 338 0.44 -23.89 11.48
C ILE A 338 0.88 -25.36 11.50
N GLY A 339 1.82 -25.71 12.37
CA GLY A 339 2.26 -27.09 12.51
C GLY A 339 3.22 -27.60 11.44
N GLU A 340 3.72 -26.68 10.62
CA GLU A 340 4.71 -26.99 9.59
C GLU A 340 6.06 -27.41 10.19
N HIS A 341 6.95 -27.97 9.37
CA HIS A 341 8.28 -28.39 9.86
C HIS A 341 8.96 -27.19 10.52
N LYS A 342 9.47 -27.42 11.73
CA LYS A 342 10.28 -26.44 12.44
C LYS A 342 11.67 -27.03 12.64
N ASP A 343 12.69 -26.20 12.41
CA ASP A 343 14.08 -26.61 12.56
C ASP A 343 14.57 -26.32 13.98
N PHE A 344 14.73 -27.37 14.78
CA PHE A 344 15.20 -27.27 16.16
C PHE A 344 16.72 -27.52 16.30
N SER A 345 17.43 -27.52 15.19
CA SER A 345 18.87 -27.85 15.18
C SER A 345 19.70 -26.90 16.08
N ALA A 346 19.37 -25.61 16.09
CA ALA A 346 20.11 -24.64 16.91
C ALA A 346 19.87 -24.84 18.41
N ILE A 347 18.63 -25.14 18.81
CA ILE A 347 18.34 -25.35 20.23
C ILE A 347 19.01 -26.64 20.71
N ILE A 348 19.07 -27.66 19.85
CA ILE A 348 19.74 -28.92 20.18
C ILE A 348 21.25 -28.71 20.36
N ALA A 349 21.88 -27.97 19.46
CA ALA A 349 23.31 -27.65 19.58
C ALA A 349 23.57 -26.85 20.86
N HIS A 350 22.69 -25.89 21.14
CA HIS A 350 22.79 -25.07 22.36
C HIS A 350 22.74 -25.96 23.61
N ALA A 351 21.81 -26.92 23.63
CA ALA A 351 21.64 -27.78 24.79
C ALA A 351 22.92 -28.55 25.12
N LYS A 352 23.64 -29.00 24.10
CA LYS A 352 24.89 -29.75 24.30
C LYS A 352 25.99 -28.93 25.01
N THR A 353 25.91 -27.61 24.97
CA THR A 353 26.87 -26.73 25.65
C THR A 353 26.48 -26.37 27.08
N CYS A 354 25.28 -26.78 27.52
CA CYS A 354 24.77 -26.45 28.85
C CYS A 354 24.93 -27.62 29.83
N PRO A 355 25.00 -27.32 31.12
CA PRO A 355 24.94 -28.38 32.13
C PRO A 355 23.60 -29.13 32.12
N ALA A 356 23.60 -30.35 32.64
CA ALA A 356 22.39 -31.12 32.88
C ALA A 356 21.52 -30.39 33.92
N PRO A 357 20.24 -30.73 34.01
CA PRO A 357 19.36 -30.02 34.95
C PRO A 357 19.76 -30.21 36.41
N THR A 358 19.50 -29.20 37.23
CA THR A 358 19.64 -29.35 38.67
C THR A 358 18.33 -29.82 39.25
N GLU A 359 18.36 -30.95 39.95
CA GLU A 359 17.14 -31.54 40.48
C GLU A 359 16.52 -30.66 41.56
N ILE A 360 15.21 -30.44 41.44
CA ILE A 360 14.40 -29.70 42.43
C ILE A 360 13.77 -30.67 43.43
N GLU A 361 13.38 -31.84 42.92
CA GLU A 361 12.65 -32.85 43.70
C GLU A 361 12.71 -34.19 42.97
N SER A 362 12.30 -35.24 43.65
CA SER A 362 12.27 -36.58 43.08
C SER A 362 10.92 -37.25 43.33
N GLY A 363 10.75 -38.42 42.72
CA GLY A 363 9.52 -39.18 42.84
C GLY A 363 8.68 -39.09 41.58
N GLU A 364 7.37 -39.16 41.74
CA GLU A 364 6.46 -39.29 40.60
C GLU A 364 5.13 -38.60 40.87
N ILE A 365 4.39 -38.42 39.79
CA ILE A 365 2.98 -38.08 39.89
C ILE A 365 2.23 -38.88 38.84
N ILE A 366 0.98 -39.13 39.15
CA ILE A 366 0.14 -39.97 38.32
C ILE A 366 -0.91 -39.10 37.66
N GLY A 367 -1.18 -39.41 36.39
CA GLY A 367 -2.24 -38.74 35.66
C GLY A 367 -2.67 -39.51 34.42
N GLY A 368 -3.48 -38.87 33.58
CA GLY A 368 -3.99 -39.49 32.36
C GLY A 368 -5.45 -39.91 32.41
N PHE A 369 -6.22 -39.31 33.31
CA PHE A 369 -7.65 -39.60 33.49
C PHE A 369 -8.53 -38.68 32.63
N ALA A 370 -8.30 -38.72 31.31
CA ALA A 370 -9.17 -38.03 30.35
C ALA A 370 -10.40 -38.91 30.03
N HIS A 371 -11.23 -38.49 29.09
CA HIS A 371 -12.57 -39.09 29.03
C HIS A 371 -12.59 -40.58 28.66
N ASN A 372 -11.77 -40.99 27.70
CA ASN A 372 -11.70 -42.40 27.32
C ASN A 372 -11.27 -43.27 28.51
N GLN A 373 -10.24 -42.84 29.22
CA GLN A 373 -9.72 -43.61 30.36
C GLN A 373 -10.73 -43.69 31.50
N VAL A 374 -11.39 -42.58 31.83
CA VAL A 374 -12.37 -42.60 32.91
C VAL A 374 -13.64 -43.37 32.53
N LEU A 375 -14.10 -43.26 31.29
CA LEU A 375 -15.26 -44.05 30.87
C LEU A 375 -14.96 -45.57 30.88
N ALA A 376 -13.71 -45.96 30.66
CA ALA A 376 -13.29 -47.36 30.81
C ALA A 376 -13.37 -47.83 32.27
N LEU A 377 -13.23 -46.90 33.21
CA LEU A 377 -13.35 -47.17 34.65
C LEU A 377 -14.74 -46.85 35.23
N ALA A 378 -15.70 -46.48 34.38
CA ALA A 378 -16.96 -45.90 34.84
C ALA A 378 -17.76 -46.80 35.78
N ASP A 379 -17.84 -48.09 35.46
CA ASP A 379 -18.60 -49.02 36.31
C ASP A 379 -18.06 -49.02 37.74
N LYS A 380 -16.74 -48.99 37.89
CA LYS A 380 -16.14 -48.99 39.23
C LYS A 380 -16.28 -47.64 39.95
N VAL A 381 -16.23 -46.53 39.21
CA VAL A 381 -16.48 -45.22 39.79
C VAL A 381 -17.93 -45.16 40.29
N ILE A 382 -18.86 -45.62 39.46
CA ILE A 382 -20.28 -45.64 39.80
C ILE A 382 -20.54 -46.51 41.03
N ASP A 383 -19.90 -47.69 41.11
CA ASP A 383 -20.04 -48.57 42.26
C ASP A 383 -19.56 -47.87 43.55
N ALA A 384 -18.47 -47.12 43.46
CA ALA A 384 -17.91 -46.43 44.61
C ALA A 384 -18.79 -45.28 45.09
N VAL A 385 -19.48 -44.61 44.16
CA VAL A 385 -20.44 -43.58 44.54
C VAL A 385 -21.66 -44.24 45.22
N LYS A 386 -22.16 -45.33 44.64
CA LYS A 386 -23.33 -46.02 45.18
C LYS A 386 -23.08 -46.58 46.60
N SER A 387 -21.86 -47.03 46.87
CA SER A 387 -21.53 -47.62 48.17
C SER A 387 -21.20 -46.58 49.23
N GLY A 388 -21.01 -45.33 48.82
CA GLY A 388 -20.56 -44.27 49.71
C GLY A 388 -19.06 -44.17 49.88
N ALA A 389 -18.29 -44.99 49.19
CA ALA A 389 -16.83 -44.89 49.24
C ALA A 389 -16.36 -43.52 48.72
N ILE A 390 -16.95 -43.06 47.62
CA ILE A 390 -16.77 -41.69 47.14
C ILE A 390 -18.03 -40.90 47.50
N LYS A 391 -17.90 -39.95 48.41
CA LYS A 391 -19.02 -39.10 48.83
C LYS A 391 -19.20 -37.87 47.93
N LYS A 392 -18.10 -37.35 47.40
CA LYS A 392 -18.14 -36.16 46.55
C LYS A 392 -16.92 -36.10 45.64
N PHE A 393 -17.12 -35.54 44.45
CA PHE A 393 -16.03 -35.09 43.58
C PHE A 393 -15.90 -33.58 43.73
N VAL A 394 -14.67 -33.08 43.66
CA VAL A 394 -14.41 -31.64 43.68
C VAL A 394 -13.59 -31.27 42.45
N VAL A 395 -14.19 -30.52 41.53
CA VAL A 395 -13.47 -30.02 40.36
C VAL A 395 -12.64 -28.81 40.80
N MET A 396 -11.31 -28.94 40.75
CA MET A 396 -10.39 -27.88 41.13
C MET A 396 -9.50 -27.44 39.94
N ALA A 397 -10.01 -27.68 38.74
CA ALA A 397 -9.36 -27.31 37.49
C ALA A 397 -9.19 -25.79 37.34
N GLY A 398 -8.37 -25.41 36.37
CA GLY A 398 -8.14 -24.02 36.01
C GLY A 398 -6.68 -23.63 35.96
N CYS A 399 -6.39 -22.36 36.31
CA CYS A 399 -5.05 -21.78 36.25
C CYS A 399 -4.48 -21.51 37.64
N ASP A 400 -3.17 -21.73 37.81
CA ASP A 400 -2.42 -21.23 38.96
C ASP A 400 -1.93 -19.80 38.67
N GLY A 401 -1.36 -19.16 39.68
CA GLY A 401 -0.74 -17.85 39.52
C GLY A 401 0.05 -17.44 40.76
N ARG A 402 0.53 -16.20 40.76
CA ARG A 402 1.45 -15.68 41.78
C ARG A 402 0.83 -15.41 43.15
N ALA A 403 -0.45 -15.07 43.19
CA ALA A 403 -1.06 -14.53 44.42
C ALA A 403 -0.86 -15.45 45.63
N LYS A 404 -0.39 -14.84 46.72
CA LYS A 404 -0.19 -15.54 47.99
C LYS A 404 -1.47 -16.21 48.50
N SER A 405 -2.60 -15.60 48.22
CA SER A 405 -3.92 -16.12 48.59
C SER A 405 -4.18 -17.53 48.04
N ARG A 406 -3.48 -17.93 46.99
CA ARG A 406 -3.69 -19.25 46.38
C ARG A 406 -3.20 -20.42 47.24
N SER A 407 -2.52 -20.14 48.36
CA SER A 407 -2.31 -21.17 49.38
C SER A 407 -3.64 -21.80 49.81
N TYR A 408 -4.73 -21.05 49.66
CA TYR A 408 -6.08 -21.57 49.85
C TYR A 408 -6.31 -22.91 49.16
N TYR A 409 -5.86 -23.06 47.91
CA TYR A 409 -6.17 -24.26 47.14
C TYR A 409 -5.40 -25.47 47.66
N THR A 410 -4.16 -25.24 48.08
CA THR A 410 -3.38 -26.29 48.75
C THR A 410 -4.04 -26.72 50.07
N ASP A 411 -4.44 -25.75 50.88
CA ASP A 411 -5.01 -26.02 52.20
C ASP A 411 -6.41 -26.67 52.07
N PHE A 412 -7.19 -26.23 51.09
CA PHE A 412 -8.50 -26.82 50.81
C PHE A 412 -8.33 -28.30 50.44
N ALA A 413 -7.41 -28.59 49.52
CA ALA A 413 -7.15 -29.96 49.10
C ALA A 413 -6.68 -30.83 50.27
N GLU A 414 -5.76 -30.32 51.07
CA GLU A 414 -5.24 -31.06 52.22
C GLU A 414 -6.32 -31.32 53.28
N GLY A 415 -7.24 -30.39 53.44
CA GLY A 415 -8.28 -30.48 54.45
C GLY A 415 -9.52 -31.25 54.03
N LEU A 416 -9.65 -31.62 52.76
CA LEU A 416 -10.80 -32.39 52.30
C LEU A 416 -10.85 -33.74 53.04
N PRO A 417 -12.04 -34.20 53.40
CA PRO A 417 -12.17 -35.55 53.95
C PRO A 417 -11.68 -36.60 52.96
N LYS A 418 -11.23 -37.75 53.46
CA LYS A 418 -10.57 -38.76 52.62
C LYS A 418 -11.54 -39.63 51.81
N ASP A 419 -12.82 -39.27 51.82
CA ASP A 419 -13.85 -39.88 50.97
C ASP A 419 -14.24 -38.98 49.78
N THR A 420 -13.40 -38.01 49.45
CA THR A 420 -13.61 -37.14 48.29
C THR A 420 -12.50 -37.32 47.25
N VAL A 421 -12.84 -37.06 45.99
CA VAL A 421 -11.90 -37.17 44.86
C VAL A 421 -11.81 -35.81 44.16
N ILE A 422 -10.60 -35.31 43.99
CA ILE A 422 -10.35 -34.09 43.21
C ILE A 422 -10.21 -34.43 41.73
N LEU A 423 -10.95 -33.71 40.89
CA LEU A 423 -10.82 -33.76 39.44
C LEU A 423 -10.11 -32.49 38.99
N THR A 424 -9.06 -32.64 38.18
CA THR A 424 -8.29 -31.47 37.73
C THR A 424 -7.87 -31.51 36.27
N ALA A 425 -7.49 -30.32 35.80
CA ALA A 425 -7.03 -30.03 34.45
C ALA A 425 -6.52 -28.59 34.48
N GLY A 426 -5.47 -28.28 33.72
CA GLY A 426 -4.89 -26.94 33.75
C GLY A 426 -3.87 -26.78 34.87
N CYS A 427 -3.06 -25.72 34.84
CA CYS A 427 -1.94 -25.62 35.77
C CYS A 427 -2.34 -25.32 37.24
N ALA A 428 -3.63 -25.06 37.51
CA ALA A 428 -4.14 -25.01 38.88
C ALA A 428 -3.75 -26.26 39.67
N LYS A 429 -3.57 -27.39 38.98
CA LYS A 429 -3.20 -28.67 39.58
C LYS A 429 -1.96 -28.61 40.47
N TYR A 430 -1.03 -27.70 40.18
CA TYR A 430 0.26 -27.69 40.88
C TYR A 430 0.14 -27.25 42.34
N ARG A 431 -0.99 -26.67 42.73
CA ARG A 431 -1.22 -26.37 44.15
C ARG A 431 -1.50 -27.61 45.01
N TYR A 432 -1.79 -28.76 44.38
CA TYR A 432 -2.10 -29.96 45.18
C TYR A 432 -1.66 -31.29 44.55
N ASN A 433 -0.93 -31.30 43.44
CA ASN A 433 -0.54 -32.58 42.81
C ASN A 433 0.78 -33.18 43.32
N LYS A 434 1.37 -32.56 44.33
CA LYS A 434 2.56 -33.12 44.97
C LYS A 434 2.37 -33.25 46.48
N LEU A 435 1.11 -33.37 46.87
CA LEU A 435 0.75 -33.75 48.21
C LEU A 435 0.63 -35.27 48.19
N ASN A 436 0.47 -35.86 49.35
CA ASN A 436 0.26 -37.30 49.45
C ASN A 436 -1.17 -37.50 49.94
N LEU A 437 -2.11 -37.50 49.00
CA LEU A 437 -3.54 -37.51 49.32
C LEU A 437 -4.19 -38.90 49.31
N GLY A 438 -3.49 -39.89 48.76
CA GLY A 438 -3.94 -41.28 48.84
C GLY A 438 -4.94 -41.67 47.77
N ASP A 439 -5.76 -42.67 48.09
CA ASP A 439 -6.69 -43.28 47.16
C ASP A 439 -7.97 -43.75 47.87
N ILE A 440 -9.02 -43.95 47.10
CA ILE A 440 -10.27 -44.55 47.58
C ILE A 440 -10.52 -45.79 46.74
N GLY A 441 -10.46 -46.96 47.37
CA GLY A 441 -10.64 -48.22 46.68
C GLY A 441 -9.75 -48.37 45.46
N GLY A 442 -8.53 -47.84 45.52
CA GLY A 442 -7.59 -47.93 44.41
C GLY A 442 -7.66 -46.78 43.42
N ILE A 443 -8.71 -45.97 43.47
CA ILE A 443 -8.85 -44.80 42.59
C ILE A 443 -8.09 -43.64 43.24
N PRO A 444 -7.10 -43.05 42.57
CA PRO A 444 -6.38 -41.91 43.18
C PRO A 444 -7.31 -40.76 43.59
N ARG A 445 -6.97 -40.07 44.67
CA ARG A 445 -7.79 -38.94 45.15
C ARG A 445 -7.52 -37.64 44.38
N VAL A 446 -6.53 -37.64 43.48
CA VAL A 446 -6.39 -36.61 42.44
C VAL A 446 -6.39 -37.28 41.07
N LEU A 447 -7.37 -36.93 40.24
CA LEU A 447 -7.50 -37.44 38.87
C LEU A 447 -7.24 -36.29 37.88
N ASP A 448 -6.06 -36.31 37.26
CA ASP A 448 -5.62 -35.29 36.32
C ASP A 448 -5.98 -35.68 34.90
N ALA A 449 -6.96 -34.96 34.35
CA ALA A 449 -7.42 -35.14 32.98
C ALA A 449 -6.53 -34.51 31.90
N GLY A 450 -5.68 -33.55 32.29
CA GLY A 450 -4.68 -32.98 31.38
C GLY A 450 -4.56 -31.47 31.43
N GLN A 451 -4.56 -30.86 30.23
CA GLN A 451 -4.37 -29.42 30.06
C GLN A 451 -5.68 -28.69 30.36
N CYS A 452 -5.66 -27.36 30.40
CA CYS A 452 -6.91 -26.61 30.64
C CYS A 452 -8.01 -27.01 29.62
N ASN A 453 -7.61 -27.25 28.37
CA ASN A 453 -8.55 -27.73 27.34
C ASN A 453 -9.19 -29.07 27.68
N ASP A 454 -8.51 -29.88 28.49
CA ASP A 454 -9.06 -31.17 28.93
C ASP A 454 -10.10 -31.03 30.05
N SER A 455 -10.44 -29.79 30.43
CA SER A 455 -11.69 -29.53 31.15
C SER A 455 -12.87 -30.11 30.35
N TYR A 456 -12.72 -30.20 29.03
CA TYR A 456 -13.70 -30.89 28.17
C TYR A 456 -13.98 -32.32 28.66
N SER A 457 -12.92 -33.08 28.96
CA SER A 457 -13.06 -34.43 29.51
C SER A 457 -13.87 -34.44 30.81
N LEU A 458 -13.62 -33.47 31.70
CA LEU A 458 -14.37 -33.38 32.96
C LEU A 458 -15.87 -33.18 32.69
N ALA A 459 -16.21 -32.34 31.71
CA ALA A 459 -17.61 -32.17 31.32
C ALA A 459 -18.21 -33.46 30.74
N VAL A 460 -17.47 -34.15 29.88
CA VAL A 460 -17.93 -35.40 29.28
C VAL A 460 -18.20 -36.44 30.38
N ILE A 461 -17.29 -36.51 31.35
CA ILE A 461 -17.43 -37.43 32.48
C ILE A 461 -18.69 -37.10 33.29
N ALA A 462 -18.89 -35.83 33.60
CA ALA A 462 -20.06 -35.41 34.37
C ALA A 462 -21.35 -35.76 33.64
N LEU A 463 -21.40 -35.51 32.34
CA LEU A 463 -22.60 -35.82 31.55
C LEU A 463 -22.86 -37.34 31.46
N LYS A 464 -21.80 -38.13 31.44
CA LYS A 464 -21.93 -39.59 31.44
C LYS A 464 -22.54 -40.05 32.76
N LEU A 465 -22.07 -39.51 33.87
CA LEU A 465 -22.59 -39.87 35.18
C LEU A 465 -24.06 -39.45 35.32
N LYS A 466 -24.43 -38.29 34.78
CA LYS A 466 -25.82 -37.84 34.77
C LYS A 466 -26.68 -38.88 34.06
N GLU A 467 -26.20 -39.38 32.93
CA GLU A 467 -26.93 -40.38 32.14
C GLU A 467 -27.12 -41.70 32.87
N VAL A 468 -26.04 -42.24 33.46
CA VAL A 468 -26.10 -43.56 34.08
C VAL A 468 -26.98 -43.52 35.33
N PHE A 469 -26.95 -42.41 36.07
CA PHE A 469 -27.77 -42.25 37.27
C PHE A 469 -29.22 -41.84 36.96
N GLY A 470 -29.52 -41.52 35.70
CA GLY A 470 -30.87 -41.20 35.27
C GLY A 470 -31.38 -39.88 35.82
N LEU A 471 -30.48 -38.93 36.01
CA LEU A 471 -30.81 -37.63 36.59
C LEU A 471 -31.28 -36.65 35.52
N GLU A 472 -32.25 -35.81 35.87
CA GLU A 472 -32.76 -34.79 34.96
C GLU A 472 -31.84 -33.56 34.86
N ASP A 473 -31.05 -33.30 35.90
CA ASP A 473 -30.23 -32.09 36.02
C ASP A 473 -28.80 -32.48 36.40
N VAL A 474 -27.82 -32.01 35.63
CA VAL A 474 -26.40 -32.29 35.90
C VAL A 474 -25.99 -31.83 37.31
N ASN A 475 -26.66 -30.81 37.84
CA ASN A 475 -26.34 -30.29 39.16
C ASN A 475 -26.73 -31.19 40.31
N ASP A 476 -27.46 -32.26 40.04
CA ASP A 476 -27.84 -33.20 41.08
C ASP A 476 -26.81 -34.32 41.28
N LEU A 477 -25.70 -34.28 40.53
CA LEU A 477 -24.55 -35.13 40.82
C LEU A 477 -23.81 -34.62 42.06
N PRO A 478 -23.09 -35.52 42.74
CA PRO A 478 -22.32 -35.14 43.93
C PRO A 478 -20.97 -34.50 43.56
N ILE A 479 -21.03 -33.29 43.00
CA ILE A 479 -19.86 -32.57 42.50
C ILE A 479 -19.90 -31.13 43.00
N VAL A 480 -18.79 -30.70 43.59
CA VAL A 480 -18.56 -29.31 43.96
C VAL A 480 -17.51 -28.74 43.00
N TYR A 481 -17.70 -27.48 42.58
CA TYR A 481 -16.80 -26.82 41.63
C TYR A 481 -16.07 -25.69 42.36
N ASN A 482 -14.75 -25.84 42.53
CA ASN A 482 -13.91 -24.85 43.20
C ASN A 482 -12.71 -24.55 42.27
N ILE A 483 -12.98 -23.71 41.27
CA ILE A 483 -12.11 -23.45 40.13
C ILE A 483 -11.26 -22.20 40.35
N ALA A 484 -9.97 -22.31 40.03
CA ALA A 484 -9.05 -21.17 40.06
C ALA A 484 -8.84 -20.66 38.62
N TRP A 485 -8.72 -19.36 38.44
CA TRP A 485 -8.52 -18.79 37.10
C TRP A 485 -7.39 -17.75 37.08
N TYR A 486 -6.82 -17.55 35.90
CA TYR A 486 -5.80 -16.52 35.70
C TYR A 486 -5.99 -15.82 34.35
N GLU A 487 -5.96 -16.59 33.26
CA GLU A 487 -5.98 -16.01 31.90
C GLU A 487 -7.23 -16.46 31.09
N GLN A 488 -7.23 -16.14 29.80
CA GLN A 488 -8.47 -16.11 29.02
C GLN A 488 -8.95 -17.50 28.58
N LYS A 489 -8.08 -18.50 28.58
CA LYS A 489 -8.52 -19.88 28.39
C LYS A 489 -9.43 -20.33 29.55
N ALA A 490 -9.16 -19.86 30.77
CA ALA A 490 -10.06 -20.15 31.89
C ALA A 490 -11.43 -19.48 31.67
N VAL A 491 -11.45 -18.32 31.03
CA VAL A 491 -12.71 -17.64 30.74
C VAL A 491 -13.56 -18.48 29.77
N ILE A 492 -12.97 -19.03 28.70
CA ILE A 492 -13.78 -19.85 27.79
C ILE A 492 -14.25 -21.14 28.47
N VAL A 493 -13.43 -21.73 29.34
CA VAL A 493 -13.85 -22.92 30.08
C VAL A 493 -15.05 -22.60 30.97
N LEU A 494 -15.01 -21.46 31.67
CA LEU A 494 -16.12 -21.03 32.51
C LEU A 494 -17.40 -20.84 31.69
N LEU A 495 -17.32 -20.11 30.58
CA LEU A 495 -18.49 -19.90 29.73
C LEU A 495 -19.03 -21.20 29.16
N ALA A 496 -18.14 -22.13 28.82
CA ALA A 496 -18.53 -23.46 28.34
C ALA A 496 -19.34 -24.20 29.41
N LEU A 497 -18.86 -24.21 30.65
CA LEU A 497 -19.59 -24.86 31.75
C LEU A 497 -20.96 -24.21 31.98
N LEU A 498 -21.03 -22.88 31.92
CA LEU A 498 -22.31 -22.19 32.08
C LEU A 498 -23.28 -22.54 30.96
N SER A 499 -22.78 -22.70 29.73
CA SER A 499 -23.61 -23.06 28.59
C SER A 499 -24.18 -24.47 28.74
N LEU A 500 -23.45 -25.33 29.46
CA LEU A 500 -23.88 -26.69 29.74
C LEU A 500 -24.83 -26.80 30.94
N GLY A 501 -25.09 -25.69 31.61
CA GLY A 501 -26.06 -25.66 32.70
C GLY A 501 -25.47 -25.88 34.09
N VAL A 502 -24.15 -25.79 34.23
CA VAL A 502 -23.50 -26.00 35.52
C VAL A 502 -23.69 -24.78 36.43
N LYS A 503 -24.27 -25.01 37.60
CA LYS A 503 -24.51 -23.98 38.60
C LYS A 503 -23.59 -24.18 39.80
N ASN A 504 -23.57 -23.19 40.68
CA ASN A 504 -22.87 -23.23 41.96
C ASN A 504 -21.34 -23.20 41.87
N ILE A 505 -20.80 -22.73 40.75
CA ILE A 505 -19.35 -22.65 40.60
C ILE A 505 -18.78 -21.61 41.55
N HIS A 506 -17.79 -22.03 42.34
CA HIS A 506 -17.00 -21.14 43.18
C HIS A 506 -15.72 -20.80 42.39
N LEU A 507 -15.48 -19.51 42.16
CA LEU A 507 -14.42 -19.01 41.30
C LEU A 507 -13.46 -18.14 42.11
N GLY A 508 -12.15 -18.33 41.95
CA GLY A 508 -11.19 -17.57 42.73
C GLY A 508 -9.79 -17.57 42.15
N PRO A 509 -8.83 -16.99 42.86
CA PRO A 509 -9.00 -16.45 44.22
C PRO A 509 -9.77 -15.13 44.34
N THR A 510 -9.97 -14.42 43.24
CA THR A 510 -10.84 -13.25 43.16
C THR A 510 -11.80 -13.42 41.98
N LEU A 511 -12.82 -12.58 41.90
CA LEU A 511 -13.72 -12.56 40.74
C LEU A 511 -13.19 -11.54 39.72
N PRO A 512 -13.33 -11.83 38.42
CA PRO A 512 -12.81 -10.93 37.39
C PRO A 512 -13.21 -9.46 37.52
N ALA A 513 -12.26 -8.58 37.26
CA ALA A 513 -12.49 -7.14 37.29
C ALA A 513 -13.43 -6.67 36.18
N PHE A 514 -13.55 -7.48 35.11
CA PHE A 514 -14.38 -7.13 33.95
C PHE A 514 -15.87 -7.50 34.07
N LEU A 515 -16.28 -8.01 35.23
CA LEU A 515 -17.71 -8.21 35.51
C LEU A 515 -18.27 -6.97 36.23
N SER A 516 -19.17 -6.24 35.56
CA SER A 516 -19.84 -5.09 36.17
C SER A 516 -20.82 -5.58 37.24
N PRO A 517 -21.21 -4.72 38.19
CA PRO A 517 -22.20 -5.12 39.20
C PRO A 517 -23.47 -5.78 38.62
N ASN A 518 -24.06 -5.23 37.55
CA ASN A 518 -25.29 -5.81 37.00
C ASN A 518 -25.05 -7.14 36.28
N VAL A 519 -23.90 -7.29 35.62
CA VAL A 519 -23.56 -8.55 34.96
C VAL A 519 -23.29 -9.63 35.99
N ALA A 520 -22.54 -9.29 37.05
CA ALA A 520 -22.32 -10.21 38.17
C ALA A 520 -23.64 -10.65 38.80
N LYS A 521 -24.61 -9.74 38.90
CA LYS A 521 -25.90 -10.05 39.49
C LYS A 521 -26.65 -11.12 38.69
N VAL A 522 -26.58 -11.04 37.36
CA VAL A 522 -27.18 -12.07 36.50
C VAL A 522 -26.51 -13.43 36.73
N LEU A 523 -25.19 -13.44 36.83
CA LEU A 523 -24.45 -14.68 37.05
C LEU A 523 -24.76 -15.31 38.42
N VAL A 524 -24.94 -14.47 39.44
CA VAL A 524 -25.35 -14.95 40.76
C VAL A 524 -26.79 -15.48 40.73
N GLU A 525 -27.70 -14.71 40.14
CA GLU A 525 -29.12 -15.06 40.17
C GLU A 525 -29.45 -16.28 39.34
N GLN A 526 -28.85 -16.39 38.15
CA GLN A 526 -29.16 -17.50 37.24
C GLN A 526 -28.21 -18.69 37.36
N PHE A 527 -26.98 -18.47 37.81
CA PHE A 527 -25.98 -19.54 37.84
C PHE A 527 -25.36 -19.79 39.21
N ASN A 528 -25.75 -19.02 40.21
CA ASN A 528 -25.20 -19.18 41.56
C ASN A 528 -23.67 -19.16 41.60
N ILE A 529 -23.04 -18.31 40.80
CA ILE A 529 -21.58 -18.15 40.89
C ILE A 529 -21.23 -17.48 42.20
N GLY A 530 -20.17 -17.94 42.86
CA GLY A 530 -19.68 -17.34 44.09
C GLY A 530 -18.16 -17.31 44.15
N GLY A 531 -17.61 -16.79 45.23
CA GLY A 531 -16.17 -16.74 45.45
C GLY A 531 -15.70 -17.60 46.62
N ILE A 532 -14.46 -17.39 47.04
CA ILE A 532 -13.86 -18.14 48.14
C ILE A 532 -13.71 -17.26 49.38
N THR A 533 -13.56 -17.92 50.53
CA THR A 533 -13.17 -17.24 51.78
C THR A 533 -11.96 -17.98 52.35
N SER A 534 -11.99 -18.47 53.59
CA SER A 534 -10.89 -19.26 54.13
C SER A 534 -11.11 -20.72 53.75
N PRO A 535 -10.03 -21.50 53.66
CA PRO A 535 -10.20 -22.91 53.32
C PRO A 535 -11.06 -23.66 54.35
N GLN A 536 -10.86 -23.40 55.64
CA GLN A 536 -11.62 -24.09 56.69
C GLN A 536 -13.11 -23.72 56.66
N ASP A 537 -13.44 -22.46 56.39
CA ASP A 537 -14.86 -22.07 56.29
C ASP A 537 -15.53 -22.70 55.08
N ASP A 538 -14.83 -22.69 53.94
CA ASP A 538 -15.40 -23.24 52.71
C ASP A 538 -15.51 -24.77 52.73
N LEU A 539 -14.60 -25.45 53.42
CA LEU A 539 -14.68 -26.90 53.58
C LEU A 539 -15.97 -27.29 54.32
N LYS A 540 -16.47 -26.42 55.19
CA LYS A 540 -17.81 -26.59 55.79
C LYS A 540 -18.94 -26.13 54.85
N ALA A 541 -18.87 -24.88 54.38
CA ALA A 541 -19.98 -24.24 53.66
C ALA A 541 -20.30 -24.85 52.30
N PHE A 542 -19.26 -25.21 51.54
CA PHE A 542 -19.44 -25.73 50.18
C PHE A 542 -20.07 -27.12 50.15
N PHE A 543 -20.12 -27.80 51.29
CA PHE A 543 -20.67 -29.15 51.37
C PHE A 543 -21.97 -29.19 52.18
N GLY A 544 -22.54 -28.14 52.52
N SER B 1 -11.34 44.61 -43.74
CA SER B 1 -10.62 44.35 -42.47
C SER B 1 -10.75 42.89 -42.04
N ASN B 2 -9.67 42.36 -41.47
CA ASN B 2 -9.64 40.98 -41.04
C ASN B 2 -10.41 40.81 -39.72
N ALA B 3 -11.20 39.75 -39.63
CA ALA B 3 -11.85 39.36 -38.36
C ALA B 3 -10.82 38.87 -37.34
N MET B 4 -9.70 38.32 -37.82
CA MET B 4 -8.62 37.83 -36.99
C MET B 4 -7.32 37.86 -37.78
N PHE B 5 -6.20 37.69 -37.11
CA PHE B 5 -4.96 37.38 -37.80
C PHE B 5 -4.08 36.47 -36.95
N CYS B 6 -3.87 35.25 -37.42
CA CYS B 6 -3.00 34.28 -36.74
C CYS B 6 -2.22 33.52 -37.80
N TYR B 7 -0.90 33.39 -37.62
CA TYR B 7 -0.02 32.69 -38.55
C TYR B 7 1.04 31.83 -37.85
N GLN B 8 0.75 31.39 -36.63
CA GLN B 8 1.77 30.74 -35.79
C GLN B 8 2.06 29.27 -36.05
N CYS B 9 1.20 28.56 -36.80
CA CYS B 9 1.44 27.14 -37.08
C CYS B 9 1.65 26.85 -38.56
N GLN B 10 2.11 25.64 -38.84
CA GLN B 10 2.51 25.27 -40.19
C GLN B 10 1.34 25.28 -41.17
N GLU B 11 0.12 25.03 -40.67
CA GLU B 11 -1.07 24.89 -41.51
C GLU B 11 -1.81 26.21 -41.80
N THR B 12 -1.25 27.35 -41.39
CA THR B 12 -1.92 28.63 -41.61
C THR B 12 -2.33 28.83 -43.08
N VAL B 13 -3.49 29.45 -43.30
CA VAL B 13 -4.09 29.51 -44.64
C VAL B 13 -3.11 30.05 -45.68
N GLY B 14 -2.89 29.28 -46.74
CA GLY B 14 -2.06 29.71 -47.86
C GLY B 14 -0.60 29.94 -47.54
N ASN B 15 -0.15 29.45 -46.39
CA ASN B 15 1.13 29.84 -45.79
C ASN B 15 1.29 31.37 -45.72
N LYS B 16 0.18 32.06 -45.43
CA LYS B 16 0.13 33.51 -45.31
C LYS B 16 -0.51 33.94 -43.98
N GLY B 17 -1.67 33.39 -43.63
CA GLY B 17 -2.33 33.75 -42.39
C GLY B 17 -3.81 33.40 -42.39
N CYS B 18 -4.31 33.03 -41.22
CA CYS B 18 -5.74 32.78 -40.99
C CYS B 18 -6.39 34.11 -40.63
N THR B 19 -7.34 34.56 -41.46
CA THR B 19 -7.93 35.91 -41.37
C THR B 19 -9.41 35.94 -41.00
N GLN B 20 -10.10 34.80 -41.11
CA GLN B 20 -11.52 34.73 -40.79
C GLN B 20 -11.80 33.63 -39.75
N VAL B 21 -11.40 32.41 -40.06
CA VAL B 21 -11.44 31.27 -39.12
C VAL B 21 -10.13 30.50 -39.27
N GLY B 22 -9.65 29.92 -38.17
CA GLY B 22 -8.44 29.14 -38.20
C GLY B 22 -8.64 27.78 -38.85
N VAL B 23 -7.62 27.30 -39.55
CA VAL B 23 -7.59 25.93 -40.06
C VAL B 23 -7.73 24.92 -38.90
N CYS B 24 -7.24 25.29 -37.73
CA CYS B 24 -7.33 24.46 -36.52
C CYS B 24 -8.72 24.46 -35.90
N GLY B 25 -9.59 25.36 -36.34
CA GLY B 25 -10.93 25.50 -35.80
C GLY B 25 -11.09 26.71 -34.88
N LYS B 26 -10.02 27.46 -34.63
CA LYS B 26 -10.08 28.62 -33.74
C LYS B 26 -10.92 29.72 -34.37
N LYS B 27 -11.99 30.10 -33.68
CA LYS B 27 -12.92 31.12 -34.17
C LYS B 27 -12.35 32.52 -33.89
N PRO B 28 -12.77 33.53 -34.65
CA PRO B 28 -12.17 34.86 -34.53
C PRO B 28 -12.28 35.50 -33.13
N GLU B 29 -13.36 35.26 -32.39
CA GLU B 29 -13.45 35.80 -31.03
C GLU B 29 -12.46 35.10 -30.09
N THR B 30 -12.25 33.80 -30.28
CA THR B 30 -11.23 33.06 -29.52
C THR B 30 -9.84 33.61 -29.83
N ALA B 31 -9.56 33.85 -31.11
CA ALA B 31 -8.28 34.41 -31.53
C ALA B 31 -8.04 35.78 -30.89
N ALA B 32 -9.10 36.58 -30.81
CA ALA B 32 -9.06 37.91 -30.21
C ALA B 32 -8.72 37.82 -28.72
N LEU B 33 -9.35 36.90 -28.01
CA LEU B 33 -9.08 36.74 -26.58
C LEU B 33 -7.64 36.28 -26.35
N GLN B 34 -7.12 35.42 -27.23
CA GLN B 34 -5.72 35.00 -27.11
C GLN B 34 -4.78 36.19 -27.37
N ASP B 35 -5.10 37.04 -28.35
CA ASP B 35 -4.32 38.26 -28.59
C ASP B 35 -4.32 39.21 -27.37
N ALA B 36 -5.48 39.37 -26.74
CA ALA B 36 -5.59 40.19 -25.54
C ALA B 36 -4.77 39.59 -24.40
N LEU B 37 -4.80 38.27 -24.26
CA LEU B 37 -4.06 37.58 -23.22
C LEU B 37 -2.55 37.73 -23.42
N ILE B 38 -2.06 37.61 -24.64
CA ILE B 38 -0.63 37.79 -24.90
C ILE B 38 -0.21 39.25 -24.60
N TYR B 39 -1.04 40.22 -24.97
CA TYR B 39 -0.79 41.63 -24.71
C TYR B 39 -0.58 41.90 -23.22
N VAL B 40 -1.51 41.44 -22.38
CA VAL B 40 -1.38 41.70 -20.94
C VAL B 40 -0.28 40.85 -20.30
N THR B 41 0.05 39.70 -20.90
CA THR B 41 1.18 38.90 -20.43
C THR B 41 2.51 39.62 -20.66
N LYS B 42 2.64 40.27 -21.82
CA LYS B 42 3.83 41.09 -22.12
C LYS B 42 3.89 42.30 -21.17
N GLY B 43 2.75 42.92 -20.88
CA GLY B 43 2.69 44.02 -19.91
C GLY B 43 3.12 43.57 -18.52
N LEU B 44 2.65 42.40 -18.09
CA LEU B 44 3.08 41.80 -16.83
C LEU B 44 4.59 41.54 -16.84
N GLY B 45 5.13 41.08 -17.96
CA GLY B 45 6.56 40.89 -18.10
C GLY B 45 7.35 42.17 -17.94
N GLN B 46 6.86 43.28 -18.50
CA GLN B 46 7.51 44.58 -18.34
C GLN B 46 7.58 44.98 -16.86
N ILE B 47 6.47 44.82 -16.14
CA ILE B 47 6.42 45.21 -14.73
C ILE B 47 7.34 44.33 -13.87
N ALA B 48 7.27 43.02 -14.08
CA ALA B 48 8.08 42.08 -13.32
C ALA B 48 9.58 42.30 -13.57
N THR B 49 9.93 42.56 -14.82
CA THR B 49 11.32 42.85 -15.19
C THR B 49 11.84 44.11 -14.48
N ARG B 50 11.01 45.15 -14.45
CA ARG B 50 11.38 46.38 -13.76
C ARG B 50 11.52 46.17 -12.24
N LEU B 51 10.71 45.31 -11.65
CA LEU B 51 10.85 44.99 -10.22
C LEU B 51 12.18 44.27 -9.95
N ARG B 52 12.51 43.25 -10.76
CA ARG B 52 13.78 42.54 -10.59
C ARG B 52 14.97 43.51 -10.75
N ALA B 53 14.80 44.50 -11.64
CA ALA B 53 15.84 45.48 -11.95
C ALA B 53 16.04 46.54 -10.88
N GLU B 54 15.17 46.57 -9.86
CA GLU B 54 15.45 47.38 -8.68
C GLU B 54 15.75 46.52 -7.45
N GLY B 55 16.00 45.23 -7.68
CA GLY B 55 16.38 44.32 -6.62
C GLY B 55 15.24 43.72 -5.84
N LYS B 56 14.01 43.86 -6.32
CA LYS B 56 12.83 43.36 -5.60
C LYS B 56 12.42 41.97 -6.08
N ALA B 57 11.83 41.21 -5.16
CA ALA B 57 11.44 39.83 -5.43
C ALA B 57 10.16 39.77 -6.25
N VAL B 58 10.09 38.82 -7.16
CA VAL B 58 8.85 38.50 -7.87
C VAL B 58 8.47 37.06 -7.51
N ASP B 59 7.29 36.92 -6.92
CA ASP B 59 6.77 35.64 -6.46
C ASP B 59 6.65 34.63 -7.62
N HIS B 60 6.98 33.37 -7.36
CA HIS B 60 6.93 32.33 -8.40
C HIS B 60 5.50 32.11 -8.92
N ARG B 61 4.47 32.48 -8.16
CA ARG B 61 3.10 32.42 -8.66
C ARG B 61 2.90 33.29 -9.92
N ILE B 62 3.62 34.41 -10.00
CA ILE B 62 3.60 35.25 -11.21
C ILE B 62 4.20 34.47 -12.39
N ASP B 63 5.33 33.79 -12.16
CA ASP B 63 5.96 32.97 -13.19
C ASP B 63 4.97 31.93 -13.75
N ARG B 64 4.19 31.32 -12.86
CA ARG B 64 3.23 30.27 -13.24
C ARG B 64 2.07 30.84 -14.07
N LEU B 65 1.63 32.05 -13.72
CA LEU B 65 0.62 32.74 -14.50
C LEU B 65 1.14 33.00 -15.93
N VAL B 66 2.38 33.45 -16.05
CA VAL B 66 2.99 33.72 -17.36
C VAL B 66 3.12 32.45 -18.19
N THR B 67 3.66 31.37 -17.63
CA THR B 67 3.82 30.15 -18.43
C THR B 67 2.45 29.57 -18.82
N GLY B 68 1.50 29.61 -17.91
CA GLY B 68 0.16 29.12 -18.21
C GLY B 68 -0.53 29.93 -19.32
N ASN B 69 -0.37 31.25 -19.27
CA ASN B 69 -0.94 32.11 -20.30
C ASN B 69 -0.36 31.80 -21.67
N LEU B 70 0.96 31.69 -21.76
CA LEU B 70 1.62 31.40 -23.04
C LEU B 70 1.18 30.03 -23.58
N PHE B 71 1.20 29.02 -22.72
CA PHE B 71 0.86 27.65 -23.11
C PHE B 71 -0.60 27.56 -23.57
N ALA B 72 -1.50 28.30 -22.91
CA ALA B 72 -2.91 28.31 -23.28
C ALA B 72 -3.15 28.82 -24.71
N THR B 73 -2.20 29.57 -25.26
CA THR B 73 -2.31 30.11 -26.62
C THR B 73 -1.51 29.32 -27.68
N ILE B 74 -0.90 28.21 -27.30
CA ILE B 74 -0.27 27.31 -28.28
C ILE B 74 -1.37 26.68 -29.15
N THR B 75 -1.05 26.40 -30.40
CA THR B 75 -1.98 25.75 -31.33
C THR B 75 -2.61 24.49 -30.70
N ASN B 76 -3.93 24.39 -30.78
CA ASN B 76 -4.68 23.23 -30.30
C ASN B 76 -4.61 23.01 -28.79
N ALA B 77 -4.42 24.08 -28.02
CA ALA B 77 -4.40 23.98 -26.54
C ALA B 77 -5.74 24.37 -25.91
N ASN B 78 -6.29 25.53 -26.25
CA ASN B 78 -7.46 26.03 -25.52
C ASN B 78 -8.36 26.86 -26.44
N PHE B 79 -9.59 26.40 -26.62
CA PHE B 79 -10.61 27.05 -27.44
C PHE B 79 -11.77 27.61 -26.59
N ASP B 80 -11.60 27.63 -25.28
CA ASP B 80 -12.68 27.95 -24.32
C ASP B 80 -12.64 29.44 -23.97
N ASP B 81 -13.56 30.21 -24.57
CA ASP B 81 -13.56 31.66 -24.41
C ASP B 81 -13.70 32.11 -22.96
N ASP B 82 -14.52 31.42 -22.18
CA ASP B 82 -14.73 31.80 -20.78
C ASP B 82 -13.45 31.63 -19.96
N ILE B 83 -12.70 30.56 -20.19
CA ILE B 83 -11.43 30.34 -19.50
C ILE B 83 -10.40 31.38 -19.94
N LEU B 84 -10.32 31.67 -21.24
CA LEU B 84 -9.36 32.64 -21.75
C LEU B 84 -9.64 34.04 -21.19
N ALA B 85 -10.91 34.44 -21.16
CA ALA B 85 -11.28 35.73 -20.58
C ALA B 85 -10.92 35.78 -19.10
N GLU B 86 -11.11 34.68 -18.38
CA GLU B 86 -10.77 34.64 -16.96
C GLU B 86 -9.25 34.78 -16.75
N ARG B 87 -8.44 34.18 -17.62
CA ARG B 87 -6.99 34.35 -17.54
C ARG B 87 -6.60 35.82 -17.77
N VAL B 88 -7.29 36.51 -18.68
CA VAL B 88 -7.07 37.94 -18.88
C VAL B 88 -7.34 38.72 -17.56
N ARG B 89 -8.47 38.43 -16.91
CA ARG B 89 -8.80 39.07 -15.62
C ARG B 89 -7.74 38.83 -14.56
N MET B 90 -7.32 37.57 -14.40
CA MET B 90 -6.30 37.22 -13.42
C MET B 90 -5.00 37.96 -13.68
N THR B 91 -4.64 38.12 -14.95
CA THR B 91 -3.39 38.76 -15.33
C THR B 91 -3.48 40.26 -15.07
N CYS B 92 -4.62 40.86 -15.35
CA CYS B 92 -4.81 42.29 -15.04
C CYS B 92 -4.73 42.56 -13.53
N ALA B 93 -5.34 41.69 -12.73
CA ALA B 93 -5.29 41.85 -11.27
C ALA B 93 -3.84 41.75 -10.78
N ALA B 94 -3.11 40.76 -11.29
CA ALA B 94 -1.74 40.50 -10.83
C ALA B 94 -0.79 41.63 -11.20
N LYS B 95 -0.90 42.17 -12.42
CA LYS B 95 0.03 43.20 -12.83
C LYS B 95 -0.28 44.56 -12.16
N LYS B 96 -1.54 44.81 -11.82
CA LYS B 96 -1.90 46.01 -11.04
C LYS B 96 -1.25 45.96 -9.66
N GLU B 97 -1.31 44.80 -9.01
CA GLU B 97 -0.67 44.62 -7.70
C GLU B 97 0.84 44.79 -7.77
N LEU B 98 1.48 44.21 -8.78
CA LEU B 98 2.94 44.32 -8.91
C LEU B 98 3.41 45.74 -9.17
N ALA B 99 2.69 46.46 -10.02
CA ALA B 99 3.07 47.83 -10.37
C ALA B 99 3.09 48.74 -9.14
N ALA B 100 2.23 48.46 -8.16
CA ALA B 100 2.18 49.24 -6.92
C ALA B 100 3.48 49.13 -6.09
N SER B 101 4.24 48.05 -6.29
CA SER B 101 5.52 47.85 -5.59
C SER B 101 6.72 48.56 -6.24
N LEU B 102 6.54 49.12 -7.42
CA LEU B 102 7.63 49.82 -8.11
C LEU B 102 7.97 51.14 -7.43
N THR B 103 9.27 51.37 -7.25
CA THR B 103 9.76 52.64 -6.72
C THR B 103 9.56 53.76 -7.74
N ASP B 104 9.98 53.48 -8.98
CA ASP B 104 9.80 54.39 -10.11
C ASP B 104 8.74 53.79 -11.03
N LYS B 105 7.56 54.41 -11.06
CA LYS B 105 6.42 53.94 -11.86
C LYS B 105 6.26 54.69 -13.18
N SER B 106 7.22 55.55 -13.51
CA SER B 106 7.10 56.40 -14.69
C SER B 106 7.18 55.63 -15.99
N GLY B 107 6.45 56.08 -17.00
CA GLY B 107 6.54 55.53 -18.33
C GLY B 107 6.10 54.09 -18.48
N LEU B 108 5.14 53.64 -17.66
CA LEU B 108 4.54 52.33 -17.85
C LEU B 108 3.72 52.33 -19.15
N SER B 109 3.82 51.25 -19.92
CA SER B 109 3.18 51.14 -21.23
C SER B 109 1.69 50.91 -21.11
N ASP B 110 0.98 51.01 -22.24
CA ASP B 110 -0.45 50.66 -22.24
C ASP B 110 -0.68 49.19 -21.93
N ALA B 111 0.21 48.30 -22.35
CA ALA B 111 0.07 46.88 -22.01
C ALA B 111 0.15 46.69 -20.50
N ALA B 112 1.04 47.44 -19.86
CA ALA B 112 1.19 47.37 -18.41
C ALA B 112 -0.01 47.95 -17.66
N LEU B 113 -0.64 48.99 -18.23
CA LEU B 113 -1.71 49.72 -17.55
C LEU B 113 -3.13 49.29 -17.92
N TRP B 114 -3.32 48.71 -19.11
CA TRP B 114 -4.67 48.41 -19.60
C TRP B 114 -5.33 47.27 -18.84
N GLU B 115 -6.62 47.40 -18.59
CA GLU B 115 -7.39 46.33 -17.99
C GLU B 115 -8.84 46.35 -18.46
N ALA B 116 -9.46 45.17 -18.42
CA ALA B 116 -10.88 45.01 -18.69
C ALA B 116 -11.40 43.78 -17.94
N SER B 117 -12.64 43.85 -17.51
CA SER B 117 -13.32 42.70 -16.91
C SER B 117 -14.42 42.14 -17.83
N GLU B 118 -15.00 42.98 -18.69
CA GLU B 118 -16.06 42.57 -19.60
C GLU B 118 -15.42 41.92 -20.83
N LYS B 119 -15.89 40.73 -21.20
CA LYS B 119 -15.37 40.02 -22.38
C LYS B 119 -15.49 40.88 -23.64
N SER B 120 -16.61 41.58 -23.79
CA SER B 120 -16.82 42.46 -24.96
C SER B 120 -15.73 43.52 -25.08
N ALA B 121 -15.27 44.05 -23.95
CA ALA B 121 -14.20 45.04 -23.93
C ALA B 121 -12.85 44.43 -24.32
N MET B 122 -12.63 43.17 -23.94
CA MET B 122 -11.42 42.46 -24.35
C MET B 122 -11.39 42.25 -25.87
N LEU B 123 -12.53 41.87 -26.44
CA LEU B 123 -12.66 41.67 -27.88
C LEU B 123 -12.40 42.97 -28.62
N ALA B 124 -12.93 44.08 -28.11
CA ALA B 124 -12.75 45.39 -28.75
C ALA B 124 -11.30 45.85 -28.73
N LYS B 125 -10.59 45.57 -27.65
CA LYS B 125 -9.17 45.93 -27.52
C LYS B 125 -8.27 45.12 -28.46
N ALA B 126 -8.62 43.85 -28.65
CA ALA B 126 -7.77 42.89 -29.36
C ALA B 126 -7.36 43.36 -30.75
N GLY B 127 -8.27 44.03 -31.45
CA GLY B 127 -8.03 44.44 -32.82
C GLY B 127 -6.85 45.38 -33.02
N THR B 128 -6.47 46.11 -31.97
CA THR B 128 -5.34 47.05 -32.04
C THR B 128 -4.05 46.54 -31.40
N VAL B 129 -4.03 45.32 -30.88
CA VAL B 129 -2.87 44.83 -30.13
C VAL B 129 -2.35 43.46 -30.61
N GLY B 130 -2.82 43.01 -31.77
CA GLY B 130 -2.38 41.76 -32.37
C GLY B 130 -1.12 41.87 -33.21
N VAL B 131 -0.91 40.86 -34.05
CA VAL B 131 0.25 40.75 -34.92
C VAL B 131 0.46 42.01 -35.76
N MET B 132 -0.62 42.51 -36.37
CA MET B 132 -0.50 43.61 -37.31
C MET B 132 -0.34 44.98 -36.66
N ALA B 133 -0.34 45.05 -35.33
CA ALA B 133 -0.05 46.29 -34.61
C ALA B 133 1.39 46.81 -34.85
N THR B 134 2.33 45.93 -35.18
CA THR B 134 3.71 46.34 -35.50
C THR B 134 3.81 46.72 -36.96
N THR B 135 4.15 47.98 -37.26
CA THR B 135 4.16 48.46 -38.64
C THR B 135 5.32 47.95 -39.50
N ASP B 136 6.51 47.89 -38.93
CA ASP B 136 7.69 47.49 -39.70
C ASP B 136 7.69 45.97 -39.92
N ASP B 137 7.88 45.54 -41.16
CA ASP B 137 7.77 44.13 -41.52
C ASP B 137 8.82 43.24 -40.83
N ASP B 138 10.04 43.73 -40.70
CA ASP B 138 11.10 42.92 -40.10
C ASP B 138 10.99 42.88 -38.57
N VAL B 139 10.68 44.01 -37.94
CA VAL B 139 10.43 44.03 -36.50
C VAL B 139 9.22 43.13 -36.18
N ARG B 140 8.17 43.18 -36.99
CA ARG B 140 6.99 42.34 -36.78
C ARG B 140 7.37 40.85 -36.84
N SER B 141 8.12 40.46 -37.88
CA SER B 141 8.56 39.08 -38.05
C SER B 141 9.39 38.59 -36.86
N LEU B 142 10.36 39.39 -36.42
CA LEU B 142 11.22 38.96 -35.32
C LEU B 142 10.48 38.95 -33.97
N ARG B 143 9.62 39.94 -33.72
CA ARG B 143 8.84 39.98 -32.49
C ARG B 143 8.00 38.71 -32.34
N TRP B 144 7.37 38.27 -33.42
CA TRP B 144 6.47 37.12 -33.36
C TRP B 144 7.25 35.80 -33.41
N LEU B 145 8.36 35.74 -34.14
CA LEU B 145 9.26 34.58 -34.05
C LEU B 145 9.70 34.36 -32.59
N ILE B 146 10.11 35.42 -31.92
CA ILE B 146 10.53 35.35 -30.52
C ILE B 146 9.34 34.94 -29.63
N THR B 147 8.18 35.57 -29.84
CA THR B 147 7.01 35.23 -29.03
C THR B 147 6.65 33.74 -29.16
N PHE B 148 6.68 33.20 -30.37
CA PHE B 148 6.36 31.78 -30.58
C PHE B 148 7.43 30.88 -29.95
N GLY B 149 8.71 31.24 -30.06
CA GLY B 149 9.76 30.53 -29.34
C GLY B 149 9.54 30.54 -27.83
N LEU B 150 9.12 31.68 -27.29
CA LEU B 150 8.82 31.78 -25.87
C LEU B 150 7.64 30.91 -25.43
N LYS B 151 6.63 30.74 -26.29
CA LYS B 151 5.53 29.82 -26.00
C LYS B 151 6.07 28.39 -25.83
N GLY B 152 6.92 27.96 -26.74
CA GLY B 152 7.51 26.62 -26.65
C GLY B 152 8.36 26.43 -25.40
N MET B 153 9.19 27.43 -25.11
CA MET B 153 10.02 27.45 -23.92
C MET B 153 9.17 27.35 -22.65
N ALA B 154 8.08 28.10 -22.62
CA ALA B 154 7.16 28.13 -21.47
C ALA B 154 6.49 26.78 -21.26
N ALA B 155 6.15 26.07 -22.34
CA ALA B 155 5.55 24.75 -22.21
C ALA B 155 6.52 23.80 -21.49
N TYR B 156 7.77 23.76 -21.93
CA TYR B 156 8.75 22.87 -21.31
C TYR B 156 9.05 23.28 -19.86
N ALA B 157 9.20 24.58 -19.63
CA ALA B 157 9.38 25.11 -18.28
C ALA B 157 8.22 24.72 -17.37
N LYS B 158 6.99 24.76 -17.89
CA LYS B 158 5.83 24.47 -17.06
C LYS B 158 5.78 22.99 -16.67
N HIS B 159 6.12 22.10 -17.59
CA HIS B 159 6.21 20.68 -17.25
C HIS B 159 7.27 20.41 -16.18
N ALA B 160 8.43 21.07 -16.26
CA ALA B 160 9.44 20.93 -15.22
C ALA B 160 8.91 21.44 -13.88
N ASP B 161 8.19 22.56 -13.90
CA ASP B 161 7.60 23.17 -12.71
C ASP B 161 6.58 22.25 -12.03
N VAL B 162 5.77 21.58 -12.84
CA VAL B 162 4.79 20.60 -12.37
C VAL B 162 5.47 19.49 -11.56
N LEU B 163 6.69 19.15 -11.95
CA LEU B 163 7.52 18.15 -11.26
C LEU B 163 8.45 18.74 -10.17
N GLY B 164 8.25 20.02 -9.83
CA GLY B 164 8.95 20.65 -8.73
C GLY B 164 10.26 21.35 -9.08
N LYS B 165 10.54 21.54 -10.36
CA LYS B 165 11.79 22.14 -10.82
C LYS B 165 11.58 23.47 -11.53
N HIS B 166 12.19 24.54 -11.01
CA HIS B 166 12.19 25.84 -11.67
C HIS B 166 13.48 26.61 -11.37
N GLU B 167 13.90 27.43 -12.33
CA GLU B 167 15.13 28.22 -12.27
C GLU B 167 14.79 29.69 -12.42
N ASN B 168 15.20 30.53 -11.46
CA ASN B 168 14.93 31.96 -11.52
C ASN B 168 15.43 32.61 -12.81
N SER B 169 16.60 32.20 -13.28
CA SER B 169 17.17 32.77 -14.49
C SER B 169 16.29 32.53 -15.72
N LEU B 170 15.63 31.37 -15.76
CA LEU B 170 14.76 31.00 -16.88
C LEU B 170 13.45 31.80 -16.87
N ASP B 171 12.77 31.84 -15.73
CA ASP B 171 11.55 32.66 -15.64
C ASP B 171 11.85 34.16 -15.85
N ALA B 172 12.95 34.64 -15.29
CA ALA B 172 13.35 36.03 -15.48
C ALA B 172 13.63 36.35 -16.95
N PHE B 173 14.35 35.47 -17.65
CA PHE B 173 14.59 35.67 -19.07
C PHE B 173 13.28 35.73 -19.88
N MET B 174 12.41 34.76 -19.64
CA MET B 174 11.14 34.67 -20.35
C MET B 174 10.39 35.99 -20.26
N GLN B 175 10.34 36.55 -19.06
CA GLN B 175 9.61 37.79 -18.80
C GLN B 175 10.30 39.02 -19.37
N GLU B 176 11.64 39.04 -19.36
CA GLU B 176 12.42 40.12 -19.96
C GLU B 176 12.28 40.11 -21.48
N ALA B 177 12.35 38.92 -22.10
CA ALA B 177 12.20 38.80 -23.55
C ALA B 177 10.79 39.24 -23.99
N LEU B 178 9.76 38.82 -23.26
CA LEU B 178 8.41 39.29 -23.52
C LEU B 178 8.35 40.82 -23.49
N ALA B 179 8.94 41.42 -22.47
CA ALA B 179 8.98 42.89 -22.35
C ALA B 179 9.67 43.53 -23.56
N LYS B 180 10.77 42.94 -23.99
CA LYS B 180 11.54 43.49 -25.11
C LYS B 180 10.76 43.46 -26.44
N THR B 181 9.82 42.52 -26.59
CA THR B 181 8.99 42.49 -27.81
C THR B 181 7.99 43.64 -27.89
N LEU B 182 7.83 44.43 -26.82
CA LEU B 182 7.02 45.65 -26.86
C LEU B 182 7.86 46.94 -26.90
N ASP B 183 9.19 46.80 -26.88
CA ASP B 183 10.10 47.95 -26.85
C ASP B 183 10.39 48.43 -28.27
N ASP B 184 9.84 49.59 -28.65
CA ASP B 184 9.97 50.13 -30.01
C ASP B 184 11.38 50.62 -30.35
N SER B 185 12.26 50.74 -29.35
CA SER B 185 13.62 51.26 -29.56
C SER B 185 14.62 50.20 -30.04
N LEU B 186 14.25 48.92 -29.99
CA LEU B 186 15.18 47.86 -30.39
C LEU B 186 15.32 47.80 -31.91
N SER B 187 16.56 47.69 -32.37
CA SER B 187 16.85 47.55 -33.78
C SER B 187 16.64 46.11 -34.24
N VAL B 188 16.66 45.91 -35.55
CA VAL B 188 16.60 44.56 -36.12
C VAL B 188 17.78 43.73 -35.62
N ALA B 189 18.97 44.32 -35.55
CA ALA B 189 20.15 43.62 -35.04
C ALA B 189 19.95 43.16 -33.58
N ASP B 190 19.36 44.04 -32.76
CA ASP B 190 19.03 43.71 -31.37
C ASP B 190 18.10 42.49 -31.32
N LEU B 191 17.09 42.48 -32.21
CA LEU B 191 16.08 41.42 -32.21
C LEU B 191 16.64 40.10 -32.75
N VAL B 192 17.60 40.14 -33.68
CA VAL B 192 18.27 38.92 -34.13
C VAL B 192 19.08 38.33 -32.96
N ALA B 193 19.78 39.19 -32.22
CA ALA B 193 20.51 38.72 -31.04
C ALA B 193 19.57 38.12 -30.00
N LEU B 194 18.42 38.75 -29.79
CA LEU B 194 17.44 38.23 -28.82
C LEU B 194 16.86 36.88 -29.26
N THR B 195 16.74 36.67 -30.57
CA THR B 195 16.29 35.39 -31.12
C THR B 195 17.26 34.28 -30.75
N LEU B 196 18.55 34.55 -30.88
CA LEU B 196 19.57 33.56 -30.55
C LEU B 196 19.68 33.35 -29.03
N GLU B 197 19.48 34.39 -28.24
CA GLU B 197 19.44 34.24 -26.78
C GLU B 197 18.22 33.41 -26.37
N THR B 198 17.09 33.60 -27.05
CA THR B 198 15.90 32.78 -26.85
C THR B 198 16.22 31.30 -27.10
N GLY B 199 16.97 31.01 -28.16
CA GLY B 199 17.40 29.64 -28.42
C GLY B 199 18.24 29.05 -27.30
N LYS B 200 19.15 29.86 -26.75
CA LYS B 200 20.00 29.41 -25.65
C LYS B 200 19.18 29.03 -24.42
N PHE B 201 18.20 29.88 -24.06
CA PHE B 201 17.33 29.55 -22.93
C PHE B 201 16.36 28.41 -23.28
N GLY B 202 16.13 28.17 -24.56
CA GLY B 202 15.42 26.98 -25.01
C GLY B 202 16.18 25.72 -24.65
N VAL B 203 17.50 25.72 -24.87
CA VAL B 203 18.34 24.60 -24.42
C VAL B 203 18.22 24.45 -22.90
N SER B 204 18.29 25.55 -22.15
CA SER B 204 18.16 25.50 -20.69
C SER B 204 16.83 24.90 -20.23
N ALA B 205 15.74 25.29 -20.87
CA ALA B 205 14.41 24.77 -20.52
C ALA B 205 14.31 23.28 -20.81
N MET B 206 14.83 22.86 -21.96
CA MET B 206 14.83 21.45 -22.34
C MET B 206 15.71 20.62 -21.39
N ALA B 207 16.84 21.19 -20.96
CA ALA B 207 17.72 20.51 -20.00
C ALA B 207 17.04 20.34 -18.64
N LEU B 208 16.32 21.38 -18.20
CA LEU B 208 15.59 21.36 -16.95
C LEU B 208 14.48 20.30 -16.96
N LEU B 209 13.72 20.24 -18.06
CA LEU B 209 12.67 19.23 -18.19
C LEU B 209 13.24 17.81 -18.29
N ASP B 210 14.35 17.65 -19.00
CA ASP B 210 15.02 16.34 -19.07
C ASP B 210 15.41 15.86 -17.66
N ALA B 211 15.99 16.76 -16.86
CA ALA B 211 16.38 16.43 -15.49
C ALA B 211 15.14 16.10 -14.63
N ALA B 212 14.07 16.85 -14.84
CA ALA B 212 12.83 16.65 -14.08
C ALA B 212 12.17 15.30 -14.39
N ASN B 213 12.02 14.99 -15.68
CA ASN B 213 11.41 13.75 -16.12
C ASN B 213 12.25 12.53 -15.68
N THR B 214 13.54 12.54 -15.96
CA THR B 214 14.40 11.38 -15.63
C THR B 214 14.66 11.27 -14.13
N GLY B 215 14.76 12.39 -13.43
CA GLY B 215 14.95 12.37 -11.99
C GLY B 215 13.75 11.80 -11.25
N THR B 216 12.55 12.01 -11.79
CA THR B 216 11.34 11.54 -11.16
C THR B 216 10.98 10.11 -11.57
N TYR B 217 11.11 9.78 -12.85
CA TYR B 217 10.60 8.52 -13.40
C TYR B 217 11.67 7.57 -13.95
N GLY B 218 12.94 7.94 -13.79
CA GLY B 218 14.06 7.15 -14.30
C GLY B 218 14.47 7.52 -15.72
N HIS B 219 15.64 7.03 -16.13
CA HIS B 219 16.11 7.23 -17.51
C HIS B 219 15.39 6.28 -18.45
N PRO B 220 14.85 6.79 -19.57
CA PRO B 220 14.27 5.90 -20.58
C PRO B 220 15.21 4.76 -21.00
N GLU B 221 14.61 3.63 -21.31
CA GLU B 221 15.35 2.45 -21.73
C GLU B 221 14.59 1.76 -22.87
N ILE B 222 15.31 0.90 -23.60
CA ILE B 222 14.74 0.20 -24.75
C ILE B 222 13.49 -0.56 -24.30
N THR B 223 12.40 -0.38 -25.03
CA THR B 223 11.09 -0.88 -24.68
C THR B 223 10.32 -1.25 -25.93
N LYS B 224 9.64 -2.39 -25.89
CA LYS B 224 8.66 -2.77 -26.92
C LYS B 224 7.27 -2.41 -26.42
N VAL B 225 6.53 -1.64 -27.21
CA VAL B 225 5.20 -1.14 -26.86
C VAL B 225 4.15 -1.80 -27.76
N ASN B 226 3.17 -2.44 -27.14
CA ASN B 226 2.05 -3.04 -27.86
C ASN B 226 1.16 -1.97 -28.48
N ILE B 227 0.78 -2.14 -29.75
CA ILE B 227 -0.17 -1.23 -30.40
C ILE B 227 -1.56 -1.84 -30.60
N GLY B 228 -1.71 -3.11 -30.21
CA GLY B 228 -3.01 -3.76 -30.10
C GLY B 228 -3.65 -3.41 -28.76
N VAL B 229 -4.81 -4.01 -28.49
CA VAL B 229 -5.61 -3.67 -27.31
C VAL B 229 -5.96 -4.89 -26.45
N GLY B 230 -6.35 -4.60 -25.21
CA GLY B 230 -6.91 -5.59 -24.29
C GLY B 230 -8.43 -5.60 -24.28
N SER B 231 -8.99 -6.28 -23.30
CA SER B 231 -10.44 -6.54 -23.23
C SER B 231 -11.18 -5.79 -22.12
N ASN B 232 -10.48 -4.93 -21.38
CA ASN B 232 -11.10 -4.08 -20.35
C ASN B 232 -11.42 -2.68 -20.85
N PRO B 233 -12.41 -2.02 -20.25
CA PRO B 233 -12.60 -0.59 -20.51
C PRO B 233 -11.33 0.18 -20.16
N GLY B 234 -11.06 1.25 -20.89
CA GLY B 234 -9.84 2.01 -20.70
C GLY B 234 -10.02 3.51 -20.69
N ILE B 235 -8.98 4.20 -20.24
CA ILE B 235 -8.83 5.65 -20.41
C ILE B 235 -7.60 5.89 -21.29
N LEU B 236 -7.75 6.75 -22.29
CA LEU B 236 -6.69 7.10 -23.22
C LEU B 236 -6.11 8.45 -22.80
N ILE B 237 -4.85 8.48 -22.41
CA ILE B 237 -4.19 9.73 -22.01
C ILE B 237 -3.32 10.27 -23.15
N SER B 238 -3.50 11.55 -23.45
CA SER B 238 -2.86 12.21 -24.59
C SER B 238 -2.11 13.46 -24.12
N GLY B 239 -1.29 14.03 -25.02
CA GLY B 239 -0.47 15.20 -24.70
C GLY B 239 0.90 14.79 -24.20
N HIS B 240 1.43 15.50 -23.19
CA HIS B 240 2.83 15.31 -22.77
C HIS B 240 3.08 15.11 -21.26
N ASP B 241 2.13 15.40 -20.37
CA ASP B 241 2.43 15.49 -18.94
C ASP B 241 2.55 14.14 -18.22
N LEU B 242 3.77 13.80 -17.82
CA LEU B 242 4.02 12.50 -17.19
C LEU B 242 3.48 12.43 -15.75
N ARG B 243 3.37 13.57 -15.08
CA ARG B 243 2.84 13.60 -13.71
C ARG B 243 1.34 13.28 -13.68
N ASP B 244 0.59 13.76 -14.67
CA ASP B 244 -0.82 13.38 -14.82
C ASP B 244 -0.94 11.87 -14.97
N LEU B 245 -0.05 11.26 -15.76
CA LEU B 245 -0.06 9.81 -15.96
C LEU B 245 0.21 9.07 -14.64
N GLU B 246 1.18 9.53 -13.87
CA GLU B 246 1.50 8.89 -12.59
C GLU B 246 0.27 8.84 -11.70
N MET B 247 -0.41 9.98 -11.56
CA MET B 247 -1.59 10.05 -10.71
C MET B 247 -2.72 9.17 -11.25
N LEU B 248 -2.91 9.17 -12.57
CA LEU B 248 -3.95 8.35 -13.18
C LEU B 248 -3.71 6.84 -12.98
N LEU B 249 -2.46 6.42 -13.12
CA LEU B 249 -2.11 5.01 -12.92
C LEU B 249 -2.33 4.58 -11.46
N LYS B 250 -1.92 5.42 -10.52
CA LYS B 250 -2.12 5.12 -9.10
C LYS B 250 -3.60 5.01 -8.73
N GLN B 251 -4.43 5.90 -9.28
CA GLN B 251 -5.86 5.90 -8.99
C GLN B 251 -6.65 4.80 -9.73
N THR B 252 -6.14 4.31 -10.85
CA THR B 252 -6.80 3.20 -11.56
C THR B 252 -6.40 1.82 -11.02
N GLU B 253 -5.38 1.76 -10.16
CA GLU B 253 -4.99 0.51 -9.52
C GLU B 253 -6.18 -0.14 -8.81
N GLY B 254 -6.47 -1.40 -9.15
CA GLY B 254 -7.56 -2.15 -8.54
C GLY B 254 -8.96 -1.87 -9.06
N THR B 255 -9.12 -1.01 -10.06
CA THR B 255 -10.46 -0.58 -10.53
C THR B 255 -11.04 -1.39 -11.70
N GLY B 256 -10.21 -2.17 -12.38
CA GLY B 256 -10.62 -2.83 -13.62
C GLY B 256 -10.57 -1.94 -14.85
N VAL B 257 -10.08 -0.71 -14.71
CA VAL B 257 -9.89 0.22 -15.82
C VAL B 257 -8.41 0.23 -16.22
N ASP B 258 -8.15 -0.02 -17.50
CA ASP B 258 -6.80 0.03 -18.06
C ASP B 258 -6.46 1.46 -18.52
N VAL B 259 -5.18 1.74 -18.67
CA VAL B 259 -4.70 3.02 -19.19
C VAL B 259 -3.85 2.82 -20.44
N TYR B 260 -4.16 3.58 -21.48
CA TYR B 260 -3.46 3.56 -22.76
C TYR B 260 -2.89 4.96 -23.04
N THR B 261 -1.82 5.03 -23.83
CA THR B 261 -1.29 6.31 -24.29
C THR B 261 -1.67 6.63 -25.74
N HIS B 262 -1.59 7.93 -26.06
CA HIS B 262 -1.88 8.47 -27.37
C HIS B 262 -0.86 9.56 -27.74
N SER B 263 -0.41 9.53 -29.00
CA SER B 263 0.41 10.57 -29.64
C SER B 263 1.68 10.86 -28.84
N GLU B 264 1.78 12.00 -28.15
CA GLU B 264 2.99 12.35 -27.41
C GLU B 264 3.11 11.74 -26.00
N MET B 265 2.15 10.89 -25.61
CA MET B 265 2.31 10.11 -24.39
C MET B 265 2.97 8.74 -24.62
N LEU B 266 3.15 8.34 -25.88
CA LEU B 266 3.88 7.10 -26.20
C LEU B 266 5.18 6.91 -25.38
N PRO B 267 6.04 7.92 -25.28
CA PRO B 267 7.32 7.74 -24.57
C PRO B 267 7.20 7.45 -23.07
N ALA B 268 6.04 7.66 -22.46
CA ALA B 268 5.87 7.24 -21.07
C ALA B 268 6.20 5.77 -20.87
N HIS B 269 5.92 4.94 -21.87
CA HIS B 269 6.24 3.50 -21.81
C HIS B 269 7.73 3.21 -21.61
N TYR B 270 8.59 4.14 -22.01
CA TYR B 270 10.04 3.95 -21.95
C TYR B 270 10.63 4.17 -20.55
N TYR B 271 9.88 4.79 -19.64
CA TYR B 271 10.40 5.15 -18.32
C TYR B 271 10.25 3.99 -17.32
N PRO B 272 11.34 3.65 -16.61
CA PRO B 272 11.30 2.60 -15.59
C PRO B 272 10.13 2.69 -14.60
N ALA B 273 9.80 3.89 -14.13
CA ALA B 273 8.80 4.05 -13.06
C ALA B 273 7.41 3.54 -13.43
N PHE B 274 7.07 3.55 -14.72
CA PHE B 274 5.73 3.16 -15.17
C PHE B 274 5.60 1.67 -15.55
N LYS B 275 6.72 0.95 -15.56
CA LYS B 275 6.72 -0.47 -15.94
C LYS B 275 6.13 -1.40 -14.86
N LYS B 276 6.05 -0.92 -13.62
CA LYS B 276 5.51 -1.72 -12.52
C LYS B 276 3.98 -1.87 -12.55
N TYR B 277 3.28 -1.06 -13.36
CA TYR B 277 1.81 -1.10 -13.39
C TYR B 277 1.26 -2.06 -14.44
N ALA B 278 0.65 -3.16 -13.99
CA ALA B 278 0.13 -4.20 -14.89
C ALA B 278 -1.00 -3.70 -15.79
N HIS B 279 -1.75 -2.70 -15.30
CA HIS B 279 -2.90 -2.15 -16.04
C HIS B 279 -2.52 -1.01 -17.00
N PHE B 280 -1.22 -0.72 -17.12
CA PHE B 280 -0.71 0.21 -18.13
C PHE B 280 -0.51 -0.59 -19.42
N LYS B 281 -1.39 -0.39 -20.39
CA LYS B 281 -1.42 -1.20 -21.59
C LYS B 281 -0.59 -0.51 -22.68
N GLY B 282 -1.07 -0.46 -23.91
CA GLY B 282 -0.25 -0.04 -25.03
C GLY B 282 -0.42 1.42 -25.45
N ASN B 283 0.03 1.71 -26.66
CA ASN B 283 -0.16 2.98 -27.32
C ASN B 283 -1.20 2.79 -28.43
N TYR B 284 -2.24 3.62 -28.40
CA TYR B 284 -3.38 3.51 -29.31
C TYR B 284 -3.35 4.59 -30.38
N GLY B 285 -3.32 4.17 -31.64
CA GLY B 285 -3.42 5.09 -32.76
C GLY B 285 -2.09 5.72 -33.19
N ASN B 286 -2.18 6.95 -33.69
CA ASN B 286 -1.07 7.61 -34.36
C ASN B 286 -0.92 9.05 -33.82
N ALA B 287 -0.49 10.00 -34.66
CA ALA B 287 -0.30 11.37 -34.20
C ALA B 287 -1.64 12.07 -33.96
N TRP B 288 -1.57 13.22 -33.29
CA TRP B 288 -2.74 14.01 -32.87
C TRP B 288 -3.81 14.19 -33.94
N TRP B 289 -3.41 14.41 -35.19
CA TRP B 289 -4.35 14.87 -36.22
C TRP B 289 -5.35 13.80 -36.66
N LYS B 290 -5.11 12.53 -36.33
CA LYS B 290 -6.06 11.45 -36.62
C LYS B 290 -7.08 11.22 -35.50
N GLN B 291 -7.15 12.13 -34.53
CA GLN B 291 -7.90 11.86 -33.30
C GLN B 291 -9.42 11.86 -33.45
N LYS B 292 -9.97 12.55 -34.44
CA LYS B 292 -11.44 12.48 -34.60
C LYS B 292 -11.91 11.05 -34.87
N GLU B 293 -11.10 10.29 -35.59
CA GLU B 293 -11.38 8.89 -35.87
C GLU B 293 -10.94 8.00 -34.70
N GLU B 294 -9.72 8.22 -34.19
CA GLU B 294 -9.14 7.32 -33.19
C GLU B 294 -9.71 7.52 -31.78
N PHE B 295 -10.04 8.75 -31.38
CA PHE B 295 -10.74 8.94 -30.10
C PHE B 295 -12.11 8.27 -30.13
N GLU B 296 -12.80 8.33 -31.27
CA GLU B 296 -14.10 7.67 -31.41
C GLU B 296 -13.97 6.15 -31.21
N SER B 297 -13.06 5.51 -31.93
CA SER B 297 -12.95 4.05 -31.90
C SER B 297 -12.35 3.50 -30.59
N PHE B 298 -11.70 4.37 -29.80
CA PHE B 298 -11.19 3.97 -28.50
C PHE B 298 -12.32 3.57 -27.52
N ASN B 299 -13.49 4.19 -27.68
CA ASN B 299 -14.73 3.89 -26.94
C ASN B 299 -14.78 4.40 -25.49
N GLY B 300 -13.63 4.47 -24.81
CA GLY B 300 -13.57 4.96 -23.43
C GLY B 300 -13.23 6.44 -23.35
N PRO B 301 -13.20 6.98 -22.14
CA PRO B 301 -12.82 8.39 -21.97
C PRO B 301 -11.41 8.71 -22.43
N VAL B 302 -11.24 9.96 -22.85
CA VAL B 302 -9.95 10.46 -23.32
C VAL B 302 -9.59 11.72 -22.49
N LEU B 303 -8.34 11.73 -21.99
CA LEU B 303 -7.81 12.80 -21.14
C LEU B 303 -6.69 13.55 -21.88
N LEU B 304 -6.90 14.83 -22.14
CA LEU B 304 -5.91 15.68 -22.83
C LEU B 304 -5.12 16.46 -21.77
N THR B 305 -3.83 16.17 -21.63
CA THR B 305 -2.98 16.84 -20.65
C THR B 305 -2.36 18.15 -21.17
N THR B 306 -2.24 18.26 -22.49
CA THR B 306 -1.68 19.40 -23.21
C THR B 306 -2.32 19.42 -24.60
N ASN B 307 -1.89 20.34 -25.45
CA ASN B 307 -2.12 20.22 -26.90
C ASN B 307 -1.52 18.90 -27.42
N CYS B 308 -1.97 18.37 -28.57
CA CYS B 308 -2.98 18.96 -29.44
C CYS B 308 -4.35 18.31 -29.26
N LEU B 309 -5.34 19.14 -28.93
CA LEU B 309 -6.76 18.81 -28.95
C LEU B 309 -7.39 19.46 -30.19
N VAL B 310 -8.13 18.68 -30.95
CA VAL B 310 -8.88 19.15 -32.11
C VAL B 310 -10.35 19.32 -31.69
N PRO B 311 -11.08 20.31 -32.21
CA PRO B 311 -12.49 20.44 -31.81
C PRO B 311 -13.24 19.11 -31.95
N PRO B 312 -13.81 18.58 -30.88
CA PRO B 312 -14.34 17.20 -30.91
C PRO B 312 -15.64 17.03 -31.68
N LYS B 313 -15.82 15.85 -32.25
CA LYS B 313 -17.09 15.46 -32.87
C LYS B 313 -18.14 15.19 -31.79
N ASP B 314 -19.41 15.40 -32.15
CA ASP B 314 -20.53 15.16 -31.21
C ASP B 314 -20.52 13.73 -30.65
N SER B 315 -20.10 12.76 -31.44
CA SER B 315 -20.13 11.36 -31.03
C SER B 315 -19.31 11.03 -29.78
N TYR B 316 -18.20 11.73 -29.57
CA TYR B 316 -17.33 11.46 -28.42
C TYR B 316 -17.07 12.67 -27.51
N LYS B 317 -17.66 13.83 -27.80
CA LYS B 317 -17.39 15.03 -27.01
C LYS B 317 -17.66 14.83 -25.50
N ASP B 318 -18.71 14.07 -25.18
CA ASP B 318 -19.10 13.83 -23.79
C ASP B 318 -18.11 12.98 -22.99
N ARG B 319 -17.15 12.34 -23.67
CA ARG B 319 -16.11 11.60 -22.95
C ARG B 319 -14.69 12.16 -23.14
N VAL B 320 -14.62 13.41 -23.60
CA VAL B 320 -13.36 14.17 -23.61
C VAL B 320 -13.21 14.95 -22.30
N TYR B 321 -12.10 14.75 -21.61
CA TYR B 321 -11.75 15.46 -20.38
C TYR B 321 -10.47 16.23 -20.65
N THR B 322 -10.44 17.50 -20.24
CA THR B 322 -9.25 18.33 -20.34
C THR B 322 -8.67 18.54 -18.94
N THR B 323 -7.41 18.90 -18.87
CA THR B 323 -6.78 19.29 -17.60
C THR B 323 -5.61 20.25 -17.88
N GLY B 324 -4.97 20.77 -16.84
CA GLY B 324 -3.94 21.79 -17.02
C GLY B 324 -4.51 23.02 -17.70
N ILE B 325 -3.85 23.49 -18.75
CA ILE B 325 -4.32 24.67 -19.47
C ILE B 325 -5.11 24.32 -20.73
N VAL B 326 -5.43 23.06 -20.92
CA VAL B 326 -6.25 22.63 -22.06
C VAL B 326 -7.72 22.97 -21.80
N GLY B 327 -8.45 23.36 -22.84
CA GLY B 327 -9.88 23.63 -22.70
C GLY B 327 -10.66 23.61 -23.98
N PHE B 328 -11.92 23.19 -23.87
CA PHE B 328 -12.89 23.28 -24.96
C PHE B 328 -14.27 23.44 -24.33
N THR B 329 -15.02 24.45 -24.77
CA THR B 329 -16.35 24.73 -24.20
C THR B 329 -17.25 23.51 -24.27
N GLY B 330 -17.79 23.11 -23.12
CA GLY B 330 -18.68 21.95 -23.03
C GLY B 330 -17.97 20.64 -22.74
N CYS B 331 -16.64 20.63 -22.68
CA CYS B 331 -15.87 19.47 -22.26
C CYS B 331 -15.45 19.61 -20.80
N LYS B 332 -15.70 18.55 -20.02
CA LYS B 332 -15.35 18.50 -18.61
C LYS B 332 -13.85 18.75 -18.41
N HIS B 333 -13.52 19.49 -17.36
CA HIS B 333 -12.13 19.90 -17.11
C HIS B 333 -11.78 19.51 -15.64
N ILE B 334 -10.63 18.87 -15.46
CA ILE B 334 -10.12 18.42 -14.17
C ILE B 334 -9.09 19.45 -13.71
N PRO B 335 -9.39 20.20 -12.63
CA PRO B 335 -8.57 21.37 -12.27
C PRO B 335 -7.13 21.03 -11.84
N GLY B 336 -6.17 21.86 -12.27
CA GLY B 336 -4.79 21.82 -11.79
C GLY B 336 -3.75 22.02 -12.88
N GLU B 337 -2.83 22.98 -12.70
CA GLU B 337 -1.73 23.23 -13.64
C GLU B 337 -0.32 23.23 -12.98
N ILE B 338 -0.25 22.80 -11.72
CA ILE B 338 1.02 22.79 -10.98
C ILE B 338 1.42 21.43 -10.40
N GLY B 339 0.74 20.36 -10.84
CA GLY B 339 1.10 19.01 -10.45
C GLY B 339 0.63 18.55 -9.08
N GLU B 340 -0.27 19.31 -8.46
CA GLU B 340 -0.87 18.87 -7.19
C GLU B 340 -1.80 17.68 -7.42
N HIS B 341 -2.15 16.98 -6.34
CA HIS B 341 -3.06 15.82 -6.44
C HIS B 341 -4.34 16.17 -7.20
N LYS B 342 -4.58 15.47 -8.30
CA LYS B 342 -5.82 15.65 -9.07
C LYS B 342 -6.74 14.49 -8.77
N ASP B 343 -8.05 14.78 -8.73
CA ASP B 343 -9.08 13.78 -8.47
C ASP B 343 -9.63 13.22 -9.79
N PHE B 344 -9.21 12.01 -10.14
CA PHE B 344 -9.66 11.34 -11.37
C PHE B 344 -10.84 10.39 -11.14
N SER B 345 -11.49 10.48 -9.99
CA SER B 345 -12.57 9.56 -9.63
C SER B 345 -13.73 9.55 -10.66
N ALA B 346 -14.13 10.73 -11.15
CA ALA B 346 -15.24 10.83 -12.09
C ALA B 346 -14.90 10.21 -13.47
N ILE B 347 -13.71 10.46 -14.00
CA ILE B 347 -13.34 9.87 -15.28
C ILE B 347 -13.22 8.33 -15.19
N ILE B 348 -12.76 7.83 -14.04
CA ILE B 348 -12.68 6.39 -13.80
C ILE B 348 -14.08 5.75 -13.73
N ALA B 349 -15.01 6.38 -13.02
CA ALA B 349 -16.40 5.90 -12.97
C ALA B 349 -17.03 5.86 -14.36
N HIS B 350 -16.77 6.90 -15.16
CA HIS B 350 -17.25 6.95 -16.53
C HIS B 350 -16.68 5.79 -17.34
N ALA B 351 -15.38 5.55 -17.21
CA ALA B 351 -14.71 4.50 -17.98
C ALA B 351 -15.33 3.12 -17.74
N LYS B 352 -15.74 2.85 -16.49
CA LYS B 352 -16.33 1.56 -16.15
C LYS B 352 -17.61 1.27 -16.94
N THR B 353 -18.30 2.32 -17.39
CA THR B 353 -19.53 2.16 -18.17
C THR B 353 -19.34 2.04 -19.69
N CYS B 354 -18.09 2.14 -20.16
CA CYS B 354 -17.79 2.13 -21.59
C CYS B 354 -17.30 0.76 -22.07
N PRO B 355 -17.45 0.50 -23.38
CA PRO B 355 -16.87 -0.72 -23.98
C PRO B 355 -15.34 -0.66 -24.00
N ALA B 356 -14.70 -1.82 -24.11
CA ALA B 356 -13.26 -1.91 -24.35
C ALA B 356 -12.92 -1.29 -25.73
N PRO B 357 -11.66 -0.92 -25.95
CA PRO B 357 -11.29 -0.30 -27.22
C PRO B 357 -11.49 -1.20 -28.44
N THR B 358 -11.84 -0.60 -29.57
CA THR B 358 -11.86 -1.29 -30.86
C THR B 358 -10.42 -1.36 -31.39
N GLU B 359 -9.93 -2.57 -31.69
CA GLU B 359 -8.58 -2.70 -32.21
C GLU B 359 -8.53 -2.16 -33.64
N ILE B 360 -7.55 -1.30 -33.89
CA ILE B 360 -7.34 -0.72 -35.22
C ILE B 360 -6.00 -1.12 -35.85
N GLU B 361 -5.09 -1.63 -35.01
CA GLU B 361 -3.74 -2.07 -35.41
C GLU B 361 -3.29 -3.19 -34.47
N SER B 362 -2.32 -4.00 -34.89
CA SER B 362 -1.62 -4.90 -33.96
C SER B 362 -0.12 -4.93 -34.26
N GLY B 363 0.66 -5.41 -33.30
CA GLY B 363 2.11 -5.43 -33.40
C GLY B 363 2.74 -4.58 -32.30
N GLU B 364 3.88 -3.97 -32.62
CA GLU B 364 4.67 -3.21 -31.63
C GLU B 364 5.43 -2.01 -32.23
N ILE B 365 5.79 -1.09 -31.34
CA ILE B 365 6.75 0.00 -31.61
C ILE B 365 7.92 -0.18 -30.63
N ILE B 366 9.15 -0.08 -31.12
CA ILE B 366 10.31 -0.06 -30.24
C ILE B 366 10.83 1.37 -30.07
N GLY B 367 11.19 1.72 -28.84
CA GLY B 367 11.80 3.02 -28.57
C GLY B 367 12.48 3.06 -27.22
N GLY B 368 12.84 4.27 -26.79
CA GLY B 368 13.53 4.49 -25.53
C GLY B 368 15.01 4.80 -25.64
N PHE B 369 15.44 5.29 -26.80
CA PHE B 369 16.82 5.67 -27.07
C PHE B 369 17.10 7.14 -26.72
N ALA B 370 16.84 7.50 -25.46
CA ALA B 370 17.20 8.82 -24.95
C ALA B 370 18.69 8.82 -24.56
N HIS B 371 19.20 9.91 -23.97
CA HIS B 371 20.66 10.08 -23.91
C HIS B 371 21.37 9.04 -23.05
N ASN B 372 20.82 8.69 -21.90
CA ASN B 372 21.46 7.69 -21.04
C ASN B 372 21.55 6.33 -21.74
N GLN B 373 20.47 5.92 -22.37
CA GLN B 373 20.41 4.61 -23.02
C GLN B 373 21.38 4.54 -24.23
N VAL B 374 21.46 5.61 -25.01
CA VAL B 374 22.37 5.61 -26.17
C VAL B 374 23.83 5.63 -25.71
N LEU B 375 24.14 6.39 -24.66
CA LEU B 375 25.51 6.39 -24.13
C LEU B 375 25.89 5.03 -23.54
N ALA B 376 24.91 4.30 -23.00
CA ALA B 376 25.15 2.95 -22.49
C ALA B 376 25.45 1.95 -23.61
N LEU B 377 25.05 2.30 -24.84
CA LEU B 377 25.31 1.50 -26.03
C LEU B 377 26.46 2.07 -26.87
N ALA B 378 27.26 2.97 -26.30
CA ALA B 378 28.25 3.71 -27.08
C ALA B 378 29.26 2.81 -27.79
N ASP B 379 29.67 1.71 -27.16
CA ASP B 379 30.60 0.79 -27.82
C ASP B 379 30.01 0.21 -29.11
N LYS B 380 28.73 -0.15 -29.10
CA LYS B 380 28.06 -0.66 -30.29
C LYS B 380 27.90 0.41 -31.38
N VAL B 381 27.52 1.62 -30.97
CA VAL B 381 27.30 2.70 -31.93
C VAL B 381 28.62 3.18 -32.56
N ILE B 382 29.64 3.39 -31.73
CA ILE B 382 30.94 3.84 -32.21
C ILE B 382 31.57 2.80 -33.14
N ASP B 383 31.48 1.52 -32.77
CA ASP B 383 31.97 0.45 -33.64
C ASP B 383 31.31 0.47 -35.03
N ALA B 384 30.00 0.68 -35.04
CA ALA B 384 29.25 0.70 -36.30
C ALA B 384 29.64 1.89 -37.18
N VAL B 385 29.88 3.05 -36.58
CA VAL B 385 30.34 4.23 -37.34
C VAL B 385 31.77 4.00 -37.86
N LYS B 386 32.66 3.48 -37.02
CA LYS B 386 34.06 3.28 -37.40
C LYS B 386 34.20 2.27 -38.55
N SER B 387 33.36 1.24 -38.55
CA SER B 387 33.43 0.18 -39.56
C SER B 387 32.74 0.54 -40.88
N GLY B 388 31.93 1.60 -40.87
CA GLY B 388 31.17 2.01 -42.03
C GLY B 388 29.79 1.40 -42.09
N ALA B 389 29.44 0.55 -41.12
CA ALA B 389 28.10 -0.03 -41.05
C ALA B 389 27.00 1.05 -40.94
N ILE B 390 27.30 2.12 -40.21
CA ILE B 390 26.46 3.33 -40.21
C ILE B 390 27.27 4.43 -40.86
N LYS B 391 26.82 4.90 -42.03
CA LYS B 391 27.47 5.99 -42.74
C LYS B 391 26.88 7.35 -42.40
N LYS B 392 25.60 7.39 -42.02
CA LYS B 392 24.95 8.65 -41.68
C LYS B 392 23.83 8.46 -40.67
N PHE B 393 23.64 9.46 -39.82
CA PHE B 393 22.42 9.61 -39.03
C PHE B 393 21.55 10.70 -39.63
N VAL B 394 20.24 10.52 -39.58
CA VAL B 394 19.30 11.52 -40.09
C VAL B 394 18.31 11.86 -38.99
N VAL B 395 18.40 13.08 -38.47
CA VAL B 395 17.45 13.58 -37.49
C VAL B 395 16.14 13.97 -38.20
N MET B 396 15.07 13.23 -37.92
CA MET B 396 13.75 13.47 -38.53
C MET B 396 12.69 13.83 -37.46
N ALA B 397 13.17 14.37 -36.36
CA ALA B 397 12.33 14.79 -35.22
C ALA B 397 11.41 15.94 -35.58
N GLY B 398 10.43 16.18 -34.70
CA GLY B 398 9.51 17.31 -34.81
C GLY B 398 8.06 16.90 -34.69
N CYS B 399 7.20 17.63 -35.42
CA CYS B 399 5.75 17.47 -35.37
C CYS B 399 5.20 16.88 -36.65
N ASP B 400 4.20 16.00 -36.51
CA ASP B 400 3.35 15.58 -37.63
C ASP B 400 2.19 16.57 -37.81
N GLY B 401 1.42 16.41 -38.87
CA GLY B 401 0.24 17.22 -39.13
C GLY B 401 -0.60 16.66 -40.26
N ARG B 402 -1.63 17.42 -40.65
CA ARG B 402 -2.62 16.95 -41.62
C ARG B 402 -2.19 16.95 -43.08
N ALA B 403 -1.27 17.83 -43.45
CA ALA B 403 -0.96 18.07 -44.86
C ALA B 403 -0.57 16.79 -45.57
N LYS B 404 -1.21 16.51 -46.72
CA LYS B 404 -0.93 15.30 -47.48
C LYS B 404 0.49 15.31 -48.06
N SER B 405 1.09 16.49 -48.20
CA SER B 405 2.50 16.60 -48.58
C SER B 405 3.46 15.86 -47.62
N ARG B 406 3.02 15.59 -46.39
CA ARG B 406 3.86 14.93 -45.40
C ARG B 406 4.13 13.44 -45.69
N SER B 407 3.47 12.88 -46.71
CA SER B 407 3.90 11.59 -47.27
C SER B 407 5.37 11.62 -47.65
N TYR B 408 5.90 12.80 -47.94
CA TYR B 408 7.32 13.03 -48.14
C TYR B 408 8.19 12.34 -47.09
N TYR B 409 7.82 12.47 -45.81
CA TYR B 409 8.67 11.94 -44.73
C TYR B 409 8.68 10.41 -44.72
N THR B 410 7.55 9.80 -45.06
CA THR B 410 7.49 8.34 -45.19
C THR B 410 8.36 7.87 -46.37
N ASP B 411 8.20 8.52 -47.51
CA ASP B 411 8.96 8.16 -48.72
C ASP B 411 10.46 8.42 -48.56
N PHE B 412 10.81 9.51 -47.89
CA PHE B 412 12.21 9.81 -47.60
C PHE B 412 12.82 8.70 -46.73
N ALA B 413 12.12 8.30 -45.68
CA ALA B 413 12.59 7.24 -44.79
C ALA B 413 12.80 5.93 -45.55
N GLU B 414 11.83 5.55 -46.39
CA GLU B 414 11.91 4.32 -47.15
C GLU B 414 12.98 4.33 -48.23
N GLY B 415 13.33 5.52 -48.71
CA GLY B 415 14.34 5.70 -49.76
C GLY B 415 15.76 5.85 -49.25
N LEU B 416 15.95 5.99 -47.93
CA LEU B 416 17.30 6.15 -47.39
C LEU B 416 18.15 4.91 -47.67
N PRO B 417 19.46 5.07 -47.89
CA PRO B 417 20.35 3.92 -48.00
C PRO B 417 20.28 3.04 -46.76
N LYS B 418 20.55 1.75 -46.94
CA LYS B 418 20.41 0.77 -45.88
C LYS B 418 21.43 0.94 -44.75
N ASP B 419 22.49 1.72 -44.99
CA ASP B 419 23.51 1.99 -43.97
C ASP B 419 23.32 3.35 -43.28
N THR B 420 22.07 3.81 -43.17
CA THR B 420 21.74 5.02 -42.42
C THR B 420 20.74 4.73 -41.29
N VAL B 421 20.76 5.57 -40.27
CA VAL B 421 19.91 5.42 -39.09
C VAL B 421 19.15 6.72 -38.85
N ILE B 422 17.83 6.60 -38.64
CA ILE B 422 16.98 7.75 -38.31
C ILE B 422 16.94 7.95 -36.79
N LEU B 423 17.17 9.20 -36.36
CA LEU B 423 16.98 9.62 -34.97
C LEU B 423 15.70 10.46 -34.91
N THR B 424 14.80 10.15 -33.98
CA THR B 424 13.54 10.88 -33.89
C THR B 424 13.13 11.19 -32.45
N ALA B 425 12.18 12.13 -32.36
CA ALA B 425 11.55 12.61 -31.13
C ALA B 425 10.36 13.47 -31.58
N GLY B 426 9.27 13.49 -30.82
CA GLY B 426 8.09 14.24 -31.22
C GLY B 426 7.19 13.45 -32.16
N CYS B 427 5.96 13.93 -32.38
CA CYS B 427 4.97 13.12 -33.11
C CYS B 427 5.25 13.00 -34.62
N ALA B 428 6.24 13.73 -35.14
CA ALA B 428 6.76 13.48 -36.49
C ALA B 428 7.08 12.00 -36.74
N LYS B 429 7.47 11.29 -35.67
CA LYS B 429 7.82 9.87 -35.73
C LYS B 429 6.76 9.00 -36.41
N TYR B 430 5.49 9.38 -36.33
CA TYR B 430 4.42 8.50 -36.78
C TYR B 430 4.38 8.34 -38.32
N ARG B 431 5.11 9.18 -39.05
CA ARG B 431 5.25 8.98 -40.50
C ARG B 431 6.18 7.81 -40.88
N TYR B 432 6.96 7.28 -39.93
CA TYR B 432 7.91 6.20 -40.28
C TYR B 432 8.25 5.21 -39.13
N ASN B 433 7.47 5.21 -38.04
CA ASN B 433 7.74 4.29 -36.91
C ASN B 433 6.93 2.99 -36.96
N LYS B 434 6.19 2.77 -38.04
CA LYS B 434 5.45 1.52 -38.26
C LYS B 434 5.79 0.91 -39.63
N LEU B 435 7.03 1.10 -40.06
CA LEU B 435 7.54 0.56 -41.32
C LEU B 435 8.41 -0.68 -41.06
N ASN B 436 9.06 -1.21 -42.11
CA ASN B 436 9.94 -2.38 -41.98
C ASN B 436 11.35 -2.08 -42.46
N LEU B 437 12.05 -1.24 -41.72
CA LEU B 437 13.39 -0.78 -42.07
C LEU B 437 14.48 -1.64 -41.45
N GLY B 438 14.14 -2.45 -40.46
CA GLY B 438 15.06 -3.40 -39.86
C GLY B 438 16.10 -2.79 -38.93
N ASP B 439 17.26 -3.43 -38.87
CA ASP B 439 18.36 -3.03 -37.99
C ASP B 439 19.73 -3.20 -38.66
N ILE B 440 20.75 -2.55 -38.09
CA ILE B 440 22.14 -2.69 -38.51
C ILE B 440 22.92 -3.30 -37.35
N GLY B 441 23.21 -4.60 -37.45
CA GLY B 441 23.91 -5.32 -36.39
C GLY B 441 23.26 -5.20 -35.03
N GLY B 442 21.93 -5.17 -34.99
CA GLY B 442 21.19 -5.08 -33.75
C GLY B 442 20.69 -3.69 -33.38
N ILE B 443 21.29 -2.65 -33.96
CA ILE B 443 20.86 -1.27 -33.75
C ILE B 443 19.68 -0.95 -34.68
N PRO B 444 18.49 -0.69 -34.14
CA PRO B 444 17.34 -0.36 -35.01
C PRO B 444 17.61 0.83 -35.93
N ARG B 445 17.04 0.80 -37.14
CA ARG B 445 17.21 1.88 -38.09
C ARG B 445 16.33 3.10 -37.79
N VAL B 446 15.42 2.98 -36.83
CA VAL B 446 14.72 4.15 -36.25
C VAL B 446 14.94 4.11 -34.73
N LEU B 447 15.58 5.16 -34.21
CA LEU B 447 15.85 5.30 -32.78
C LEU B 447 15.01 6.46 -32.21
N ASP B 448 13.99 6.11 -31.43
CA ASP B 448 13.03 7.07 -30.87
C ASP B 448 13.47 7.46 -29.47
N ALA B 449 13.94 8.69 -29.34
CA ALA B 449 14.38 9.27 -28.08
C ALA B 449 13.24 9.76 -27.19
N GLY B 450 12.05 9.99 -27.74
CA GLY B 450 10.87 10.32 -26.93
C GLY B 450 9.98 11.42 -27.48
N GLN B 451 9.60 12.34 -26.60
CA GLN B 451 8.72 13.46 -26.91
C GLN B 451 9.50 14.54 -27.66
N CYS B 452 8.81 15.57 -28.17
CA CYS B 452 9.50 16.67 -28.84
C CYS B 452 10.60 17.27 -27.94
N ASN B 453 10.33 17.38 -26.64
CA ASN B 453 11.34 17.85 -25.68
C ASN B 453 12.60 16.99 -25.62
N ASP B 454 12.46 15.71 -25.97
CA ASP B 454 13.59 14.78 -26.02
C ASP B 454 14.46 14.97 -27.26
N SER B 455 14.16 15.96 -28.10
CA SER B 455 15.16 16.51 -29.02
C SER B 455 16.43 16.91 -28.26
N TYR B 456 16.27 17.25 -26.97
CA TYR B 456 17.41 17.50 -26.09
C TYR B 456 18.40 16.32 -26.08
N SER B 457 17.88 15.10 -25.93
CA SER B 457 18.72 13.90 -25.98
C SER B 457 19.47 13.79 -27.31
N LEU B 458 18.82 14.15 -28.41
CA LEU B 458 19.47 14.08 -29.72
C LEU B 458 20.66 15.04 -29.80
N ALA B 459 20.50 16.24 -29.24
CA ALA B 459 21.60 17.20 -29.16
C ALA B 459 22.73 16.70 -28.25
N VAL B 460 22.38 16.12 -27.12
CA VAL B 460 23.37 15.55 -26.19
C VAL B 460 24.16 14.42 -26.88
N ILE B 461 23.48 13.57 -27.63
CA ILE B 461 24.13 12.49 -28.38
C ILE B 461 25.08 13.06 -29.43
N ALA B 462 24.64 14.05 -30.19
CA ALA B 462 25.50 14.68 -31.21
C ALA B 462 26.75 15.30 -30.57
N LEU B 463 26.59 16.00 -29.45
CA LEU B 463 27.72 16.65 -28.80
C LEU B 463 28.68 15.62 -28.20
N LYS B 464 28.16 14.48 -27.79
CA LYS B 464 28.99 13.39 -27.28
C LYS B 464 29.80 12.75 -28.41
N LEU B 465 29.18 12.53 -29.56
CA LEU B 465 29.88 11.99 -30.73
C LEU B 465 30.98 12.95 -31.20
N LYS B 466 30.71 14.25 -31.12
CA LYS B 466 31.72 15.28 -31.45
C LYS B 466 32.99 15.05 -30.62
N GLU B 467 32.80 14.84 -29.32
CA GLU B 467 33.91 14.60 -28.39
C GLU B 467 34.61 13.26 -28.68
N VAL B 468 33.83 12.21 -28.91
CA VAL B 468 34.37 10.87 -29.17
C VAL B 468 35.30 10.84 -30.39
N PHE B 469 34.89 11.55 -31.44
CA PHE B 469 35.63 11.55 -32.70
C PHE B 469 36.66 12.70 -32.79
N GLY B 470 36.78 13.49 -31.74
CA GLY B 470 37.80 14.53 -31.64
C GLY B 470 37.63 15.65 -32.64
N LEU B 471 36.39 16.01 -32.93
CA LEU B 471 36.07 17.04 -33.92
C LEU B 471 35.98 18.43 -33.28
N GLU B 472 36.32 19.46 -34.05
CA GLU B 472 36.27 20.84 -33.55
C GLU B 472 34.88 21.49 -33.69
N ASP B 473 34.02 20.88 -34.50
CA ASP B 473 32.73 21.46 -34.89
C ASP B 473 31.69 20.34 -34.95
N VAL B 474 30.55 20.53 -34.28
CA VAL B 474 29.47 19.52 -34.31
C VAL B 474 28.99 19.22 -35.74
N ASN B 475 29.10 20.20 -36.61
CA ASN B 475 28.69 20.08 -38.00
C ASN B 475 29.56 19.15 -38.85
N ASP B 476 30.74 18.79 -38.34
CA ASP B 476 31.62 17.86 -39.05
C ASP B 476 31.20 16.39 -38.87
N LEU B 477 30.23 16.12 -38.00
CA LEU B 477 29.68 14.76 -37.86
C LEU B 477 28.84 14.37 -39.06
N PRO B 478 28.72 13.07 -39.33
CA PRO B 478 27.88 12.58 -40.43
C PRO B 478 26.40 12.52 -40.05
N ILE B 479 25.81 13.71 -39.88
CA ILE B 479 24.41 13.87 -39.48
C ILE B 479 23.73 14.85 -40.43
N VAL B 480 22.54 14.50 -40.88
CA VAL B 480 21.68 15.37 -41.67
C VAL B 480 20.43 15.66 -40.84
N TYR B 481 19.94 16.89 -40.91
CA TYR B 481 18.77 17.33 -40.15
C TYR B 481 17.62 17.62 -41.13
N ASN B 482 16.58 16.78 -41.09
CA ASN B 482 15.39 16.90 -41.93
C ASN B 482 14.17 16.88 -41.02
N ILE B 483 13.91 18.04 -40.41
CA ILE B 483 12.95 18.22 -39.33
CA ILE B 483 12.93 18.13 -39.34
C ILE B 483 11.59 18.69 -39.84
N ALA B 484 10.52 18.11 -39.30
CA ALA B 484 9.15 18.52 -39.61
C ALA B 484 8.61 19.37 -38.46
N TRP B 485 7.81 20.38 -38.76
CA TRP B 485 7.25 21.23 -37.71
C TRP B 485 5.76 21.48 -37.90
N TYR B 486 5.09 21.84 -36.80
CA TYR B 486 3.67 22.21 -36.82
C TYR B 486 3.42 23.35 -35.85
N GLU B 487 3.73 23.15 -34.58
CA GLU B 487 3.40 24.14 -33.55
C GLU B 487 4.64 24.72 -32.83
N GLN B 488 4.44 25.46 -31.75
CA GLN B 488 5.44 26.39 -31.26
C GLN B 488 6.55 25.73 -30.43
N LYS B 489 6.33 24.51 -29.93
CA LYS B 489 7.41 23.74 -29.34
C LYS B 489 8.48 23.39 -30.40
N ALA B 490 8.06 23.12 -31.64
CA ALA B 490 9.04 22.91 -32.70
C ALA B 490 9.86 24.19 -32.98
N VAL B 491 9.24 25.35 -32.82
CA VAL B 491 9.95 26.62 -32.99
C VAL B 491 11.07 26.75 -31.94
N ILE B 492 10.80 26.46 -30.66
CA ILE B 492 11.89 26.55 -29.67
C ILE B 492 12.98 25.50 -29.90
N VAL B 493 12.62 24.31 -30.36
CA VAL B 493 13.62 23.29 -30.69
C VAL B 493 14.54 23.79 -31.81
N LEU B 494 13.96 24.38 -32.84
CA LEU B 494 14.73 24.94 -33.95
C LEU B 494 15.68 26.02 -33.45
N LEU B 495 15.18 26.99 -32.68
CA LEU B 495 16.02 28.06 -32.17
C LEU B 495 17.13 27.52 -31.26
N ALA B 496 16.82 26.49 -30.47
CA ALA B 496 17.83 25.83 -29.64
C ALA B 496 18.96 25.24 -30.49
N LEU B 497 18.61 24.53 -31.55
CA LEU B 497 19.62 23.97 -32.45
C LEU B 497 20.47 25.08 -33.10
N LEU B 498 19.85 26.17 -33.52
CA LEU B 498 20.59 27.29 -34.10
C LEU B 498 21.55 27.90 -33.08
N SER B 499 21.13 28.00 -31.82
CA SER B 499 22.00 28.53 -30.76
C SER B 499 23.20 27.63 -30.50
N LEU B 500 23.04 26.33 -30.75
CA LEU B 500 24.14 25.37 -30.64
C LEU B 500 25.05 25.37 -31.88
N GLY B 501 24.69 26.16 -32.90
CA GLY B 501 25.53 26.34 -34.09
C GLY B 501 25.26 25.33 -35.18
N VAL B 502 24.15 24.60 -35.10
CA VAL B 502 23.83 23.60 -36.13
C VAL B 502 23.44 24.28 -37.44
N LYS B 503 24.14 23.92 -38.51
CA LYS B 503 23.96 24.50 -39.85
C LYS B 503 23.26 23.51 -40.78
N ASN B 504 22.76 24.02 -41.90
CA ASN B 504 22.16 23.22 -42.95
C ASN B 504 20.91 22.43 -42.59
N ILE B 505 20.16 22.93 -41.61
CA ILE B 505 18.89 22.31 -41.23
C ILE B 505 17.88 22.45 -42.37
N HIS B 506 17.22 21.35 -42.70
CA HIS B 506 16.14 21.30 -43.67
C HIS B 506 14.84 21.22 -42.88
N LEU B 507 13.94 22.18 -43.10
CA LEU B 507 12.73 22.37 -42.31
C LEU B 507 11.51 22.28 -43.22
N GLY B 508 10.49 21.52 -42.84
CA GLY B 508 9.33 21.30 -43.70
C GLY B 508 8.09 20.87 -42.93
N PRO B 509 6.99 20.59 -43.64
CA PRO B 509 6.92 20.54 -45.11
C PRO B 509 6.84 21.90 -45.83
N THR B 510 6.66 22.98 -45.08
CA THR B 510 6.78 24.36 -45.56
C THR B 510 7.62 25.14 -44.56
N LEU B 511 8.07 26.32 -44.95
CA LEU B 511 8.76 27.25 -44.04
C LEU B 511 7.74 28.20 -43.39
N PRO B 512 7.97 28.61 -42.14
CA PRO B 512 6.99 29.44 -41.43
C PRO B 512 6.55 30.72 -42.15
N ALA B 513 5.25 31.00 -42.09
CA ALA B 513 4.67 32.20 -42.69
C ALA B 513 5.19 33.48 -42.03
N PHE B 514 5.64 33.37 -40.77
CA PHE B 514 6.04 34.53 -39.98
C PHE B 514 7.50 35.00 -40.19
N LEU B 515 8.24 34.40 -41.12
CA LEU B 515 9.56 34.90 -41.51
C LEU B 515 9.40 35.88 -42.69
N SER B 516 9.71 37.16 -42.48
CA SER B 516 9.69 38.14 -43.57
C SER B 516 10.81 37.84 -44.56
N PRO B 517 10.74 38.37 -45.78
CA PRO B 517 11.84 38.18 -46.74
C PRO B 517 13.23 38.51 -46.19
N ASN B 518 13.39 39.64 -45.50
CA ASN B 518 14.70 40.03 -44.98
C ASN B 518 15.14 39.16 -43.81
N VAL B 519 14.19 38.72 -42.98
CA VAL B 519 14.53 37.88 -41.82
C VAL B 519 14.92 36.47 -42.27
N ALA B 520 14.17 35.90 -43.22
CA ALA B 520 14.53 34.63 -43.83
C ALA B 520 15.94 34.70 -44.43
N LYS B 521 16.24 35.81 -45.10
CA LYS B 521 17.55 36.01 -45.70
C LYS B 521 18.67 35.98 -44.66
N VAL B 522 18.46 36.63 -43.51
CA VAL B 522 19.44 36.61 -42.42
C VAL B 522 19.69 35.19 -41.93
N LEU B 523 18.61 34.42 -41.74
CA LEU B 523 18.74 33.05 -41.23
C LEU B 523 19.46 32.14 -42.22
N VAL B 524 19.24 32.36 -43.51
CA VAL B 524 19.95 31.60 -44.54
C VAL B 524 21.45 32.00 -44.57
N GLU B 525 21.74 33.29 -44.49
CA GLU B 525 23.13 33.77 -44.46
C GLU B 525 23.92 33.20 -43.29
N GLN B 526 23.31 33.18 -42.11
CA GLN B 526 24.00 32.79 -40.87
C GLN B 526 23.99 31.28 -40.63
N PHE B 527 22.92 30.59 -41.04
CA PHE B 527 22.72 29.17 -40.66
C PHE B 527 22.44 28.21 -41.81
N ASN B 528 22.28 28.74 -43.02
CA ASN B 528 21.93 27.96 -44.20
C ASN B 528 20.72 27.03 -44.01
N ILE B 529 19.69 27.54 -43.34
CA ILE B 529 18.41 26.83 -43.28
C ILE B 529 17.78 26.77 -44.67
N GLY B 530 17.04 25.71 -44.95
CA GLY B 530 16.33 25.58 -46.22
C GLY B 530 15.10 24.69 -46.05
N GLY B 531 14.30 24.61 -47.11
CA GLY B 531 13.10 23.81 -47.15
C GLY B 531 13.27 22.48 -47.87
N ILE B 532 12.16 21.76 -48.05
CA ILE B 532 12.16 20.46 -48.74
C ILE B 532 11.63 20.60 -50.17
N THR B 533 11.96 19.61 -50.99
CA THR B 533 11.37 19.48 -52.32
C THR B 533 10.72 18.10 -52.45
N SER B 534 11.23 17.22 -53.31
CA SER B 534 10.70 15.85 -53.44
C SER B 534 11.61 14.89 -52.68
N PRO B 535 11.10 13.72 -52.29
CA PRO B 535 11.96 12.72 -51.63
C PRO B 535 13.19 12.37 -52.49
N GLN B 536 12.97 12.14 -53.78
CA GLN B 536 14.05 11.75 -54.70
C GLN B 536 15.14 12.82 -54.76
N ASP B 537 14.74 14.07 -54.92
CA ASP B 537 15.72 15.15 -55.09
C ASP B 537 16.47 15.43 -53.80
N ASP B 538 15.77 15.37 -52.67
CA ASP B 538 16.40 15.65 -51.38
C ASP B 538 17.30 14.50 -50.91
N LEU B 539 16.94 13.26 -51.25
CA LEU B 539 17.82 12.12 -50.95
C LEU B 539 19.17 12.26 -51.67
N LYS B 540 19.20 12.97 -52.80
CA LYS B 540 20.47 13.32 -53.45
C LYS B 540 21.11 14.56 -52.83
N ALA B 541 20.38 15.66 -52.79
CA ALA B 541 20.93 16.98 -52.43
C ALA B 541 21.40 17.10 -50.99
N PHE B 542 20.64 16.51 -50.06
CA PHE B 542 20.96 16.63 -48.63
C PHE B 542 22.19 15.83 -48.20
N PHE B 543 22.62 14.87 -49.02
CA PHE B 543 23.76 14.02 -48.68
C PHE B 543 25.01 14.36 -49.48
N GLY B 544 25.12 15.45 -50.04
#